data_5IEE
#
_entry.id   5IEE
#
_cell.length_a   103.480
_cell.length_b   173.710
_cell.length_c   62.910
_cell.angle_alpha   90.00
_cell.angle_beta   90.00
_cell.angle_gamma   90.00
#
_symmetry.space_group_name_H-M   'P 21 21 2'
#
loop_
_entity.id
_entity.type
_entity.pdbx_description
1 polymer 'Neutral alpha-glucosidase AB'
2 polymer 'Glucosidase 2 subunit beta'
3 branched 2-acetamido-2-deoxy-beta-D-glucopyranose-(1-4)-2-acetamido-2-deoxy-beta-D-glucopyranose
4 non-polymer 'TETRAETHYLENE GLYCOL'
5 non-polymer 'HEXAETHYLENE GLYCOL'
6 non-polymer 1,2-ETHANEDIOL
7 non-polymer 'FORMIC ACID'
8 non-polymer 1-DEOXYNOJIRIMYCIN
9 non-polymer 'CALCIUM ION'
10 water water
#
loop_
_entity_poly.entity_id
_entity_poly.type
_entity_poly.pdbx_seq_one_letter_code
_entity_poly.pdbx_strand_id
1 'polypeptide(L)'
;VDRSNFKTCDESSFCKRQRSIRPGLSPYRALLDTLQLGPDALTVHLIHEVTKVLLVLELQGLQKNMTRIRIDELEPRRPR
YRVPDVLVADPPTARLSVSGRDDNSVELTVAEGPYKIILTAQPFRLDLLEDRSLLLSVNARGLMAFEHQRAPRVPFSDKV
SLALGSVWDKIKNLFSRQESKDPAEGNGAQPEATPGDGDKPEETQEKAEKDEPGAWEETFKTHSDSKPYGPTSVGLDFSL
PGMEHVYGIPEHADSLRLKVTEGGEPYRLYNLDVFQYELNNPMALYGSVPVLLAHSFHRDLGIFWLNAAETWVDISSNTA
GKTLFGKMLDYLQGSGETPQTDIRWMSESGIIDVFLMLGPSVFDVFRQYASLTGTQALPPLFSLGYHQSRWNYRDEADVL
EVDQGFDDHNMPCDVIWLDIEHADGKRYFTWDPTRFPQPLNMLEHLASKRRKLVAIVDPHIKVDSGYRVHEELRNHGLYV
KTRDGSDYEGWCWPGSASYPDFTNPRMRAWWSNMFSFDNYEGSAPNLYVWNDMNEPSVFNGPEVTMLKDAVHYGGWEHRD
IHNIYGLYVHMATADGLIQRSGGIERPFVLSRAFFSGSQRFGAVWTGDNTAEWDHLKISIPMCLSLALVGLSFCGADVGG
FFKNPEPELLVRWYQMGAYQPFFRAHAHLDTGRREPWLLASQYQDAIRDALFQRYSLLPFWYTLFYQAHKEGFPVMRPLW
VQYPEDMSTFSIEDQFMLGDALLIHPVSDAGAHGVQVYLPGQEEVWYDIQSYQKHHGPQTLYLPVTLSSIPVFQRGGTIV
PRWMRVRRSSDCMKDDPITLFVALSPQGTAQGELFLDDGHTFNYQTRHEFLLRRFSFSGSTLVSSSADPKGHLETPIWIE
RVVIMGAGKPAAVVLQTKGSPESRLSFQHDPETSVLILRKPGVSVASDWSIHLR
;
A
2 'polypeptide(L)'
;FYEESKPFTCLDGTATIPFDQVNDDYCDCKDGSDEPGTAACPNGSFHCTNTGYKPLYILSSRVNDGVCDCCDGTDEYNSG
TVCENTCR
;
B
#
# COMPACT_ATOMS: atom_id res chain seq x y z
N VAL A 1 14.11 12.57 -18.01
CA VAL A 1 14.06 11.26 -18.71
C VAL A 1 14.67 11.34 -20.15
N ASP A 2 15.40 10.27 -20.55
CA ASP A 2 15.90 10.12 -21.92
C ASP A 2 14.87 9.22 -22.62
N ARG A 3 13.93 9.81 -23.36
CA ARG A 3 12.87 9.05 -24.04
C ARG A 3 13.40 8.13 -25.13
N SER A 4 14.57 8.42 -25.71
CA SER A 4 15.12 7.55 -26.77
C SER A 4 15.58 6.19 -26.22
N ASN A 5 15.73 6.04 -24.87
CA ASN A 5 16.11 4.76 -24.25
C ASN A 5 14.90 3.82 -24.07
N PHE A 6 13.66 4.31 -24.25
CA PHE A 6 12.44 3.51 -24.05
C PHE A 6 11.61 3.52 -25.31
N LYS A 7 11.04 2.38 -25.68
CA LYS A 7 10.24 2.27 -26.90
C LYS A 7 8.90 2.95 -26.80
N THR A 8 8.54 3.67 -27.87
CA THR A 8 7.19 4.20 -28.09
C THR A 8 6.43 3.02 -28.75
N CYS A 9 5.10 3.09 -28.92
CA CYS A 9 4.34 1.98 -29.53
C CYS A 9 4.89 1.64 -30.92
N ASP A 10 5.26 2.67 -31.69
CA ASP A 10 5.83 2.47 -33.01
C ASP A 10 7.15 1.69 -33.02
N GLU A 11 7.94 1.77 -31.93
CA GLU A 11 9.21 1.04 -31.80
C GLU A 11 9.06 -0.37 -31.21
N SER A 12 7.86 -0.76 -30.77
CA SER A 12 7.57 -2.11 -30.28
C SER A 12 6.76 -2.75 -31.43
N SER A 13 7.39 -3.66 -32.23
CA SER A 13 6.71 -4.17 -33.45
C SER A 13 5.33 -4.76 -33.19
N PHE A 14 5.13 -5.49 -32.09
CA PHE A 14 3.80 -6.04 -31.80
C PHE A 14 2.78 -4.94 -31.49
N CYS A 15 3.18 -3.85 -30.79
CA CYS A 15 2.26 -2.74 -30.51
C CYS A 15 1.89 -2.07 -31.85
N LYS A 16 2.88 -1.85 -32.72
CA LYS A 16 2.65 -1.22 -34.03
C LYS A 16 1.69 -2.07 -34.89
N ARG A 17 1.87 -3.39 -34.91
CA ARG A 17 0.97 -4.33 -35.63
C ARG A 17 -0.43 -4.28 -35.04
N GLN A 18 -0.54 -4.46 -33.71
CA GLN A 18 -1.85 -4.43 -33.03
C GLN A 18 -2.58 -3.11 -33.26
N ARG A 19 -1.92 -1.99 -32.94
CA ARG A 19 -2.51 -0.66 -33.04
C ARG A 19 -2.86 -0.22 -34.45
N SER A 20 -2.22 -0.78 -35.48
CA SER A 20 -2.58 -0.44 -36.88
C SER A 20 -3.97 -0.95 -37.27
N ILE A 21 -4.51 -1.95 -36.55
CA ILE A 21 -5.86 -2.45 -36.79
C ILE A 21 -6.82 -1.38 -36.34
N ARG A 22 -7.69 -0.96 -37.23
CA ARG A 22 -8.63 0.09 -36.89
C ARG A 22 -10.03 -0.47 -36.78
N PRO A 23 -10.94 0.28 -36.14
CA PRO A 23 -12.30 -0.22 -35.96
C PRO A 23 -12.96 -0.67 -37.25
N GLY A 24 -13.66 -1.78 -37.18
CA GLY A 24 -14.28 -2.36 -38.35
C GLY A 24 -14.93 -3.68 -38.04
N LEU A 25 -15.34 -4.36 -39.08
CA LEU A 25 -16.00 -5.66 -38.97
C LEU A 25 -14.96 -6.75 -38.66
N SER A 26 -15.09 -7.41 -37.51
CA SER A 26 -14.15 -8.42 -37.09
C SER A 26 -14.12 -9.62 -38.05
N PRO A 27 -12.93 -10.07 -38.49
CA PRO A 27 -12.86 -11.30 -39.29
C PRO A 27 -13.08 -12.57 -38.46
N TYR A 28 -13.14 -12.46 -37.11
CA TYR A 28 -13.42 -13.60 -36.24
C TYR A 28 -14.88 -13.89 -36.16
N ARG A 29 -15.23 -15.19 -36.23
CA ARG A 29 -16.61 -15.66 -36.08
C ARG A 29 -16.66 -16.94 -35.26
N ALA A 30 -17.64 -17.06 -34.38
CA ALA A 30 -17.82 -18.26 -33.56
C ALA A 30 -18.54 -19.31 -34.41
N LEU A 31 -18.15 -20.57 -34.26
CA LEU A 31 -18.74 -21.70 -35.00
C LEU A 31 -19.71 -22.35 -34.01
N LEU A 32 -20.98 -21.92 -34.03
CA LEU A 32 -21.99 -22.37 -33.06
C LEU A 32 -22.22 -23.89 -33.02
N ASP A 33 -21.96 -24.60 -34.13
CA ASP A 33 -22.05 -26.07 -34.17
C ASP A 33 -21.00 -26.72 -33.24
N THR A 34 -19.90 -26.03 -32.93
CA THR A 34 -18.85 -26.52 -32.02
C THR A 34 -19.12 -26.19 -30.53
N LEU A 35 -20.19 -25.44 -30.24
CA LEU A 35 -20.53 -25.01 -28.89
C LEU A 35 -20.81 -26.18 -27.93
N GLN A 36 -20.17 -26.16 -26.76
CA GLN A 36 -20.32 -27.18 -25.70
C GLN A 36 -20.57 -26.45 -24.41
N LEU A 37 -21.60 -26.85 -23.67
CA LEU A 37 -21.97 -26.20 -22.43
C LEU A 37 -22.00 -27.21 -21.28
N GLY A 38 -21.22 -26.91 -20.24
CA GLY A 38 -21.13 -27.70 -19.02
C GLY A 38 -21.48 -26.85 -17.82
N PRO A 39 -21.38 -27.43 -16.61
CA PRO A 39 -21.69 -26.66 -15.40
C PRO A 39 -20.70 -25.53 -15.07
N ASP A 40 -19.43 -25.67 -15.46
CA ASP A 40 -18.38 -24.68 -15.19
C ASP A 40 -18.06 -23.71 -16.32
N ALA A 41 -18.25 -24.14 -17.58
CA ALA A 41 -17.91 -23.31 -18.72
C ALA A 41 -18.69 -23.61 -19.97
N LEU A 42 -18.62 -22.64 -20.89
CA LEU A 42 -19.11 -22.73 -22.26
C LEU A 42 -17.85 -22.67 -23.10
N THR A 43 -17.69 -23.57 -24.07
CA THR A 43 -16.58 -23.54 -25.03
C THR A 43 -17.13 -23.53 -26.43
N VAL A 44 -16.44 -22.81 -27.31
CA VAL A 44 -16.85 -22.70 -28.70
C VAL A 44 -15.63 -22.33 -29.50
N HIS A 45 -15.54 -22.88 -30.71
CA HIS A 45 -14.44 -22.57 -31.61
C HIS A 45 -14.71 -21.23 -32.26
N LEU A 46 -13.64 -20.45 -32.46
CA LEU A 46 -13.65 -19.19 -33.18
C LEU A 46 -12.71 -19.40 -34.36
N ILE A 47 -13.00 -18.79 -35.49
CA ILE A 47 -12.14 -18.94 -36.66
C ILE A 47 -11.89 -17.59 -37.26
N HIS A 48 -10.67 -17.34 -37.73
CA HIS A 48 -10.33 -16.13 -38.47
C HIS A 48 -10.75 -16.47 -39.94
N GLU A 49 -11.65 -15.68 -40.53
CA GLU A 49 -12.18 -15.98 -41.86
C GLU A 49 -11.17 -15.98 -43.02
N VAL A 50 -10.02 -15.32 -42.88
CA VAL A 50 -9.02 -15.25 -43.95
C VAL A 50 -7.97 -16.34 -43.75
N THR A 51 -7.33 -16.36 -42.59
CA THR A 51 -6.24 -17.33 -42.31
C THR A 51 -6.74 -18.72 -41.97
N LYS A 52 -8.03 -18.84 -41.56
CA LYS A 52 -8.66 -20.11 -41.17
C LYS A 52 -8.09 -20.68 -39.84
N VAL A 53 -7.35 -19.85 -39.06
CA VAL A 53 -6.79 -20.22 -37.76
C VAL A 53 -7.95 -20.45 -36.79
N LEU A 54 -7.94 -21.58 -36.09
CA LEU A 54 -8.98 -21.92 -35.13
C LEU A 54 -8.52 -21.56 -33.71
N LEU A 55 -9.40 -20.89 -32.98
CA LEU A 55 -9.15 -20.53 -31.59
C LEU A 55 -10.28 -21.13 -30.79
N VAL A 56 -10.08 -21.26 -29.47
CA VAL A 56 -11.08 -21.79 -28.56
C VAL A 56 -11.40 -20.70 -27.56
N LEU A 57 -12.70 -20.36 -27.44
CA LEU A 57 -13.21 -19.44 -26.44
C LEU A 57 -13.76 -20.27 -25.26
N GLU A 58 -13.29 -19.98 -24.04
CA GLU A 58 -13.78 -20.58 -22.80
C GLU A 58 -14.42 -19.44 -22.03
N LEU A 59 -15.76 -19.46 -21.96
CA LEU A 59 -16.57 -18.42 -21.37
C LEU A 59 -17.19 -18.96 -20.08
N GLN A 60 -17.01 -18.22 -18.99
CA GLN A 60 -17.49 -18.65 -17.69
C GLN A 60 -18.19 -17.57 -16.92
N GLY A 61 -19.29 -17.96 -16.28
CA GLY A 61 -19.95 -17.13 -15.30
C GLY A 61 -19.26 -17.49 -14.01
N LEU A 62 -19.09 -16.53 -13.11
CA LEU A 62 -18.43 -16.81 -11.85
C LEU A 62 -19.26 -16.29 -10.74
N GLN A 63 -19.08 -16.88 -9.56
CA GLN A 63 -19.73 -16.36 -8.34
C GLN A 63 -19.16 -14.96 -8.06
N LYS A 64 -19.98 -14.14 -7.45
CA LYS A 64 -19.67 -12.77 -7.06
C LYS A 64 -19.73 -11.85 -8.26
N ASN A 65 -20.63 -12.11 -9.21
CA ASN A 65 -20.87 -11.19 -10.34
C ASN A 65 -19.67 -10.94 -11.25
N MET A 66 -18.95 -11.99 -11.62
CA MET A 66 -17.85 -11.83 -12.55
C MET A 66 -18.07 -12.75 -13.72
N THR A 67 -17.34 -12.46 -14.79
CA THR A 67 -17.33 -13.28 -15.99
C THR A 67 -15.87 -13.45 -16.39
N ARG A 68 -15.48 -14.65 -16.81
CA ARG A 68 -14.14 -14.91 -17.29
C ARG A 68 -14.18 -15.29 -18.75
N ILE A 69 -13.36 -14.63 -19.55
CA ILE A 69 -13.18 -14.90 -20.99
C ILE A 69 -11.75 -15.35 -21.20
N ARG A 70 -11.57 -16.56 -21.71
CA ARG A 70 -10.24 -17.08 -22.05
C ARG A 70 -10.25 -17.50 -23.50
N ILE A 71 -9.29 -16.99 -24.29
CA ILE A 71 -9.13 -17.32 -25.71
C ILE A 71 -7.68 -17.84 -25.93
N ASP A 72 -7.58 -18.98 -26.58
CA ASP A 72 -6.30 -19.62 -26.90
C ASP A 72 -6.44 -20.35 -28.24
N GLU A 73 -5.32 -20.73 -28.86
CA GLU A 73 -5.31 -21.51 -30.10
C GLU A 73 -5.84 -22.90 -29.85
N LEU A 74 -6.59 -23.44 -30.80
CA LEU A 74 -7.17 -24.79 -30.70
C LEU A 74 -6.06 -25.82 -30.85
N GLU A 75 -5.14 -25.60 -31.80
CA GLU A 75 -4.04 -26.53 -32.09
C GLU A 75 -2.75 -25.72 -32.29
N PRO A 76 -2.10 -25.33 -31.18
CA PRO A 76 -0.86 -24.56 -31.31
C PRO A 76 0.36 -25.43 -31.54
N ARG A 77 1.39 -24.84 -32.16
CA ARG A 77 2.71 -25.48 -32.34
C ARG A 77 3.34 -25.77 -30.98
N ARG A 78 3.23 -24.82 -30.03
CA ARG A 78 3.71 -24.98 -28.66
C ARG A 78 2.75 -24.29 -27.68
N PRO A 79 2.72 -24.69 -26.39
CA PRO A 79 1.80 -23.99 -25.47
C PRO A 79 2.10 -22.50 -25.28
N ARG A 80 1.03 -21.71 -25.10
CA ARG A 80 1.13 -20.27 -24.81
C ARG A 80 1.14 -20.08 -23.32
N TYR A 81 1.78 -19.01 -22.87
CA TYR A 81 1.86 -18.73 -21.44
C TYR A 81 0.52 -18.41 -20.81
N ARG A 82 0.32 -18.91 -19.58
CA ARG A 82 -0.87 -18.66 -18.75
C ARG A 82 -0.29 -18.22 -17.40
N VAL A 83 -0.70 -17.05 -16.88
CA VAL A 83 -0.05 -16.51 -15.67
C VAL A 83 -0.25 -17.38 -14.40
N PRO A 84 0.86 -17.86 -13.82
CA PRO A 84 0.77 -18.62 -12.56
C PRO A 84 0.95 -17.73 -11.33
N ASP A 85 0.58 -18.29 -10.17
CA ASP A 85 0.82 -17.76 -8.82
C ASP A 85 0.19 -16.39 -8.47
N VAL A 86 -0.62 -15.82 -9.36
CA VAL A 86 -1.27 -14.53 -9.17
C VAL A 86 -2.64 -14.77 -8.59
N LEU A 87 -3.42 -15.67 -9.18
CA LEU A 87 -4.71 -16.08 -8.64
C LEU A 87 -4.49 -16.88 -7.34
N VAL A 88 -5.23 -16.54 -6.27
CA VAL A 88 -5.12 -17.21 -4.96
C VAL A 88 -5.92 -18.51 -4.88
N ALA A 89 -6.94 -18.65 -5.74
CA ALA A 89 -7.76 -19.87 -5.79
C ALA A 89 -8.31 -20.02 -7.17
N ASP A 90 -8.89 -21.20 -7.47
CA ASP A 90 -9.58 -21.45 -8.74
C ASP A 90 -10.94 -20.80 -8.51
N PRO A 91 -11.28 -19.70 -9.24
CA PRO A 91 -12.53 -18.99 -8.89
C PRO A 91 -13.80 -19.83 -8.97
N PRO A 92 -14.68 -19.81 -7.93
CA PRO A 92 -15.93 -20.59 -8.00
C PRO A 92 -16.81 -20.13 -9.16
N THR A 93 -17.31 -21.08 -9.94
CA THR A 93 -18.11 -20.79 -11.12
C THR A 93 -19.60 -20.61 -10.82
N ALA A 94 -20.31 -20.03 -11.79
CA ALA A 94 -21.75 -19.87 -11.81
C ALA A 94 -22.19 -20.47 -13.15
N ARG A 95 -23.26 -21.28 -13.13
CA ARG A 95 -23.73 -21.99 -14.32
C ARG A 95 -24.32 -21.08 -15.35
N LEU A 96 -24.00 -21.30 -16.63
CA LEU A 96 -24.59 -20.57 -17.75
C LEU A 96 -25.68 -21.46 -18.34
N SER A 97 -26.89 -20.91 -18.56
CA SER A 97 -28.03 -21.60 -19.16
C SER A 97 -28.44 -20.91 -20.42
N VAL A 98 -28.77 -21.68 -21.46
CA VAL A 98 -29.28 -21.10 -22.70
C VAL A 98 -30.75 -20.67 -22.51
N SER A 99 -31.02 -19.36 -22.55
CA SER A 99 -32.38 -18.77 -22.45
C SER A 99 -32.86 -18.24 -23.81
N GLY A 100 -31.98 -18.18 -24.80
CA GLY A 100 -32.29 -17.72 -26.16
C GLY A 100 -31.28 -18.24 -27.15
N ARG A 101 -31.72 -18.51 -28.37
CA ARG A 101 -30.83 -19.04 -29.41
C ARG A 101 -31.43 -18.89 -30.79
N ASP A 102 -30.58 -18.59 -31.78
CA ASP A 102 -30.92 -18.53 -33.19
C ASP A 102 -29.67 -18.88 -33.99
N ASP A 103 -29.68 -18.72 -35.32
CA ASP A 103 -28.53 -19.13 -36.12
C ASP A 103 -27.28 -18.27 -35.96
N ASN A 104 -27.39 -17.05 -35.40
CA ASN A 104 -26.22 -16.17 -35.21
C ASN A 104 -26.03 -15.71 -33.75
N SER A 105 -26.86 -16.17 -32.82
CA SER A 105 -26.84 -15.68 -31.46
C SER A 105 -27.25 -16.73 -30.44
N VAL A 106 -26.66 -16.65 -29.25
CA VAL A 106 -26.98 -17.49 -28.12
C VAL A 106 -27.03 -16.53 -26.95
N GLU A 107 -28.11 -16.56 -26.19
CA GLU A 107 -28.29 -15.75 -24.99
C GLU A 107 -28.13 -16.68 -23.81
N LEU A 108 -27.24 -16.32 -22.88
CA LEU A 108 -26.93 -17.16 -21.73
C LEU A 108 -27.28 -16.45 -20.45
N THR A 109 -27.98 -17.13 -19.57
CA THR A 109 -28.34 -16.59 -18.25
C THR A 109 -27.31 -17.10 -17.25
N VAL A 110 -26.81 -16.22 -16.38
CA VAL A 110 -25.85 -16.59 -15.35
C VAL A 110 -26.66 -17.03 -14.12
N ALA A 111 -26.46 -18.27 -13.67
CA ALA A 111 -27.17 -18.85 -12.51
C ALA A 111 -28.69 -18.62 -12.67
N GLU A 112 -29.38 -17.97 -11.72
CA GLU A 112 -30.83 -17.71 -11.83
C GLU A 112 -31.10 -16.23 -12.20
N GLY A 113 -30.15 -15.59 -12.88
CA GLY A 113 -30.26 -14.18 -13.22
C GLY A 113 -29.90 -13.29 -12.04
N PRO A 114 -29.90 -11.97 -12.21
CA PRO A 114 -30.29 -11.17 -13.39
C PRO A 114 -29.23 -11.01 -14.49
N TYR A 115 -28.01 -11.54 -14.33
CA TYR A 115 -26.95 -11.30 -15.33
C TYR A 115 -27.12 -12.18 -16.57
N LYS A 116 -26.86 -11.60 -17.74
CA LYS A 116 -26.96 -12.32 -19.02
C LYS A 116 -25.79 -11.99 -19.91
N ILE A 117 -25.43 -12.95 -20.78
CA ILE A 117 -24.35 -12.82 -21.77
C ILE A 117 -24.92 -13.19 -23.12
N ILE A 118 -24.79 -12.29 -24.11
CA ILE A 118 -25.20 -12.59 -25.49
C ILE A 118 -23.93 -12.81 -26.27
N LEU A 119 -23.78 -14.04 -26.81
CA LEU A 119 -22.71 -14.42 -27.72
C LEU A 119 -23.27 -14.30 -29.16
N THR A 120 -22.69 -13.41 -29.96
CA THR A 120 -23.03 -13.25 -31.37
C THR A 120 -21.98 -14.00 -32.14
N ALA A 121 -22.38 -14.80 -33.13
CA ALA A 121 -21.43 -15.61 -33.88
C ALA A 121 -20.69 -14.82 -34.94
N GLN A 122 -21.41 -14.03 -35.75
CA GLN A 122 -20.79 -13.34 -36.86
C GLN A 122 -21.26 -11.91 -36.96
N PRO A 123 -20.38 -10.90 -36.79
CA PRO A 123 -19.01 -10.99 -36.30
C PRO A 123 -19.02 -11.37 -34.83
N PHE A 124 -17.97 -12.04 -34.38
CA PHE A 124 -17.88 -12.49 -32.98
C PHE A 124 -17.94 -11.29 -31.99
N ARG A 125 -18.89 -11.36 -31.07
CA ARG A 125 -19.10 -10.34 -30.07
C ARG A 125 -19.67 -10.97 -28.80
N LEU A 126 -19.40 -10.34 -27.66
CA LEU A 126 -20.03 -10.70 -26.39
C LEU A 126 -20.63 -9.43 -25.82
N ASP A 127 -21.85 -9.52 -25.27
CA ASP A 127 -22.55 -8.42 -24.61
C ASP A 127 -22.92 -8.91 -23.21
N LEU A 128 -22.60 -8.11 -22.18
CA LEU A 128 -22.87 -8.45 -20.79
C LEU A 128 -23.91 -7.53 -20.27
N LEU A 129 -25.02 -8.09 -19.78
CA LEU A 129 -26.12 -7.28 -19.25
C LEU A 129 -26.52 -7.72 -17.86
N GLU A 130 -27.19 -6.80 -17.16
CA GLU A 130 -27.89 -7.05 -15.91
C GLU A 130 -29.32 -6.72 -16.27
N ASP A 131 -30.17 -7.76 -16.42
CA ASP A 131 -31.57 -7.60 -16.89
C ASP A 131 -31.55 -6.97 -18.30
N ARG A 132 -32.05 -5.74 -18.46
CA ARG A 132 -32.04 -5.05 -19.77
C ARG A 132 -30.96 -3.97 -19.83
N SER A 133 -30.11 -3.85 -18.80
CA SER A 133 -29.06 -2.83 -18.79
C SER A 133 -27.80 -3.40 -19.41
N LEU A 134 -27.36 -2.83 -20.54
CA LEU A 134 -26.13 -3.27 -21.20
C LEU A 134 -24.97 -2.73 -20.36
N LEU A 135 -24.13 -3.62 -19.81
CA LEU A 135 -22.99 -3.18 -18.99
C LEU A 135 -21.74 -3.01 -19.80
N LEU A 136 -21.44 -3.99 -20.63
CA LEU A 136 -20.19 -4.02 -21.36
C LEU A 136 -20.30 -4.86 -22.64
N SER A 137 -19.57 -4.48 -23.68
CA SER A 137 -19.47 -5.25 -24.91
C SER A 137 -18.03 -5.60 -25.12
N VAL A 138 -17.76 -6.71 -25.79
CA VAL A 138 -16.42 -7.23 -26.08
C VAL A 138 -16.32 -7.39 -27.58
N ASN A 139 -15.24 -6.87 -28.16
CA ASN A 139 -15.00 -6.87 -29.61
C ASN A 139 -16.06 -6.02 -30.38
N ALA A 140 -16.70 -5.02 -29.72
CA ALA A 140 -17.70 -4.19 -30.39
C ALA A 140 -17.10 -3.38 -31.55
N ARG A 141 -15.82 -2.95 -31.42
CA ARG A 141 -15.12 -2.24 -32.51
C ARG A 141 -14.27 -3.17 -33.44
N GLY A 142 -14.40 -4.49 -33.30
CA GLY A 142 -13.72 -5.49 -34.10
C GLY A 142 -12.20 -5.42 -34.02
N LEU A 143 -11.65 -5.13 -32.83
CA LEU A 143 -10.23 -4.98 -32.65
C LEU A 143 -9.55 -6.23 -32.08
N MET A 144 -10.29 -7.34 -31.90
CA MET A 144 -9.71 -8.60 -31.47
C MET A 144 -8.60 -9.01 -32.47
N ALA A 145 -7.45 -9.38 -31.96
CA ALA A 145 -6.30 -9.76 -32.80
C ALA A 145 -5.49 -10.79 -32.10
N PHE A 146 -5.41 -11.98 -32.68
CA PHE A 146 -4.70 -13.10 -32.09
C PHE A 146 -3.68 -13.61 -33.09
N GLU A 147 -2.45 -13.17 -32.95
CA GLU A 147 -1.39 -13.64 -33.87
C GLU A 147 -1.02 -15.10 -33.52
N HIS A 148 -1.41 -16.05 -34.39
CA HIS A 148 -1.13 -17.48 -34.13
C HIS A 148 0.38 -17.78 -34.25
N GLN A 149 0.85 -18.76 -33.53
CA GLN A 149 2.26 -19.19 -33.61
C GLN A 149 2.61 -19.79 -35.00
N ARG A 150 3.47 -19.13 -35.77
CA ARG A 150 3.89 -19.57 -37.11
C ARG A 150 5.09 -20.51 -37.00
N ALA A 151 5.51 -21.18 -38.10
CA ALA A 151 6.68 -22.06 -38.08
C ALA A 151 7.92 -21.31 -37.55
N PRO A 152 8.48 -21.69 -36.36
CA PRO A 152 9.65 -20.96 -35.82
C PRO A 152 10.85 -20.85 -36.77
N ARG A 153 11.68 -19.79 -36.58
CA ARG A 153 12.85 -19.51 -37.42
C ARG A 153 14.11 -19.32 -36.56
N GLU A 212 5.27 -7.20 -40.99
CA GLU A 212 6.47 -7.66 -41.69
C GLU A 212 7.78 -7.19 -41.00
N PRO A 213 8.14 -5.89 -41.03
CA PRO A 213 9.40 -5.47 -40.40
C PRO A 213 9.34 -5.57 -38.88
N GLY A 214 10.34 -6.24 -38.30
CA GLY A 214 10.39 -6.46 -36.87
C GLY A 214 9.50 -7.58 -36.37
N ALA A 215 8.73 -8.28 -37.25
CA ALA A 215 7.85 -9.38 -36.81
C ALA A 215 8.67 -10.58 -36.24
N TRP A 216 9.84 -10.86 -36.82
CA TRP A 216 10.77 -11.90 -36.37
C TRP A 216 11.96 -11.24 -35.67
N GLU A 217 13.22 -11.41 -36.13
CA GLU A 217 14.37 -10.77 -35.46
C GLU A 217 14.14 -9.27 -35.42
N GLU A 218 14.47 -8.63 -34.30
CA GLU A 218 14.16 -7.21 -34.09
C GLU A 218 15.26 -6.55 -33.26
N THR A 219 15.68 -5.34 -33.62
CA THR A 219 16.72 -4.64 -32.84
C THR A 219 16.14 -3.34 -32.29
N PHE A 220 16.61 -2.96 -31.09
CA PHE A 220 16.24 -1.71 -30.44
C PHE A 220 17.55 -1.15 -29.94
N LYS A 221 17.99 -0.05 -30.58
CA LYS A 221 19.29 0.56 -30.36
C LYS A 221 20.35 -0.49 -30.82
N THR A 222 21.12 -1.08 -29.92
CA THR A 222 22.10 -2.14 -30.27
C THR A 222 21.68 -3.54 -29.79
N HIS A 223 20.53 -3.67 -29.10
CA HIS A 223 20.12 -4.95 -28.53
C HIS A 223 19.26 -5.71 -29.51
N SER A 224 19.70 -6.90 -29.88
CA SER A 224 18.97 -7.72 -30.83
C SER A 224 18.11 -8.72 -30.06
N ASP A 225 16.87 -8.90 -30.50
CA ASP A 225 15.92 -9.86 -29.99
C ASP A 225 15.84 -10.89 -31.12
N SER A 226 16.35 -12.11 -30.88
CA SER A 226 16.31 -13.18 -31.89
C SER A 226 14.88 -13.69 -32.19
N LYS A 227 13.90 -13.43 -31.28
CA LYS A 227 12.48 -13.73 -31.50
C LYS A 227 12.22 -15.06 -32.23
N PRO A 228 12.62 -16.19 -31.58
CA PRO A 228 12.48 -17.51 -32.23
C PRO A 228 11.06 -17.88 -32.64
N TYR A 229 10.03 -17.38 -31.91
CA TYR A 229 8.65 -17.75 -32.19
C TYR A 229 7.89 -16.73 -33.02
N GLY A 230 8.54 -15.64 -33.42
CA GLY A 230 7.95 -14.62 -34.27
C GLY A 230 6.79 -13.88 -33.65
N PRO A 231 5.86 -13.37 -34.48
CA PRO A 231 4.69 -12.63 -33.94
C PRO A 231 3.64 -13.50 -33.25
N THR A 232 3.33 -13.22 -31.96
CA THR A 232 2.36 -14.00 -31.16
C THR A 232 1.47 -13.08 -30.28
N SER A 233 1.31 -11.83 -30.68
CA SER A 233 0.56 -10.89 -29.85
C SER A 233 -0.93 -11.11 -29.85
N VAL A 234 -1.52 -10.73 -28.72
CA VAL A 234 -2.96 -10.91 -28.48
C VAL A 234 -3.56 -9.60 -28.05
N GLY A 235 -4.76 -9.33 -28.51
CA GLY A 235 -5.43 -8.09 -28.16
C GLY A 235 -6.93 -8.15 -28.29
N LEU A 236 -7.60 -7.32 -27.55
CA LEU A 236 -9.06 -7.28 -27.50
C LEU A 236 -9.56 -5.97 -26.94
N ASP A 237 -10.71 -5.51 -27.51
CA ASP A 237 -11.35 -4.27 -27.10
C ASP A 237 -12.62 -4.52 -26.28
N PHE A 238 -12.93 -3.56 -25.41
CA PHE A 238 -14.09 -3.56 -24.50
C PHE A 238 -14.74 -2.18 -24.55
N SER A 239 -16.08 -2.14 -24.57
CA SER A 239 -16.86 -0.91 -24.60
C SER A 239 -17.63 -0.81 -23.31
N LEU A 240 -17.62 0.39 -22.71
CA LEU A 240 -18.23 0.67 -21.41
C LEU A 240 -19.28 1.77 -21.58
N PRO A 241 -20.51 1.43 -22.06
CA PRO A 241 -21.56 2.45 -22.22
C PRO A 241 -21.96 3.10 -20.88
N GLY A 242 -22.04 4.42 -20.87
CA GLY A 242 -22.35 5.19 -19.66
C GLY A 242 -21.12 5.60 -18.86
N MET A 243 -19.92 5.05 -19.19
CA MET A 243 -18.72 5.37 -18.46
C MET A 243 -17.94 6.43 -19.16
N GLU A 244 -17.60 7.48 -18.42
CA GLU A 244 -16.75 8.57 -18.85
C GLU A 244 -15.46 8.64 -18.03
N HIS A 245 -15.35 7.90 -16.92
CA HIS A 245 -14.19 7.98 -16.03
C HIS A 245 -13.60 6.62 -15.76
N VAL A 246 -12.30 6.46 -16.09
CA VAL A 246 -11.59 5.20 -15.85
C VAL A 246 -10.32 5.47 -15.10
N TYR A 247 -9.90 4.50 -14.28
CA TYR A 247 -8.77 4.59 -13.35
C TYR A 247 -7.99 3.31 -13.30
N GLY A 248 -6.81 3.42 -12.72
CA GLY A 248 -5.96 2.27 -12.43
C GLY A 248 -4.82 2.11 -13.39
N ILE A 249 -4.62 0.85 -13.85
CA ILE A 249 -3.48 0.38 -14.64
C ILE A 249 -2.15 1.10 -14.21
N PRO A 250 -1.77 1.07 -12.92
CA PRO A 250 -0.46 1.62 -12.53
C PRO A 250 0.68 0.74 -13.09
N GLU A 251 1.90 1.22 -13.18
CA GLU A 251 2.37 2.49 -12.63
C GLU A 251 2.73 3.54 -13.69
N HIS A 252 2.09 4.69 -13.58
CA HIS A 252 2.35 5.86 -14.40
C HIS A 252 2.41 7.10 -13.51
N ALA A 253 3.31 8.06 -13.81
CA ALA A 253 3.39 9.33 -13.11
C ALA A 253 2.37 10.20 -13.87
N ASP A 254 1.07 9.96 -13.58
CA ASP A 254 -0.01 10.60 -14.30
C ASP A 254 -1.23 10.75 -13.42
N SER A 255 -2.20 11.46 -13.97
CA SER A 255 -3.46 11.76 -13.32
C SER A 255 -4.24 10.50 -12.92
N LEU A 256 -4.94 10.60 -11.79
CA LEU A 256 -5.79 9.52 -11.25
C LEU A 256 -6.86 9.12 -12.29
N ARG A 257 -7.58 10.10 -12.81
CA ARG A 257 -8.54 9.82 -13.87
C ARG A 257 -7.68 9.70 -15.12
N LEU A 258 -7.73 8.54 -15.78
CA LEU A 258 -6.91 8.28 -16.95
C LEU A 258 -7.36 9.08 -18.15
N LYS A 259 -6.39 9.47 -18.97
CA LYS A 259 -6.66 10.24 -20.17
C LYS A 259 -6.85 9.35 -21.37
N VAL A 260 -7.60 9.88 -22.35
CA VAL A 260 -7.78 9.31 -23.67
C VAL A 260 -6.38 9.27 -24.30
N THR A 261 -6.08 8.20 -25.05
CA THR A 261 -4.76 7.99 -25.65
C THR A 261 -4.70 8.15 -27.17
N GLU A 262 -5.86 8.43 -27.77
CA GLU A 262 -6.14 8.57 -29.23
C GLU A 262 -5.09 9.34 -30.04
N GLY A 263 -4.78 10.55 -29.60
CA GLY A 263 -3.79 11.37 -30.30
C GLY A 263 -2.34 11.23 -29.86
N GLY A 264 -2.05 10.22 -29.04
CA GLY A 264 -0.70 10.02 -28.54
C GLY A 264 -0.39 8.56 -28.32
N GLU A 265 0.33 8.29 -27.29
CA GLU A 265 0.76 6.95 -26.98
C GLU A 265 -0.25 6.20 -26.12
N PRO A 266 -0.35 4.87 -26.24
CA PRO A 266 -1.18 4.14 -25.26
C PRO A 266 -0.47 4.13 -23.89
N TYR A 267 -1.18 3.76 -22.81
CA TYR A 267 -0.56 3.55 -21.52
C TYR A 267 0.25 2.27 -21.63
N ARG A 268 1.49 2.30 -21.12
CA ARG A 268 2.34 1.14 -21.20
C ARG A 268 2.51 0.44 -19.86
N LEU A 269 2.41 -0.88 -19.88
CA LEU A 269 2.62 -1.74 -18.71
C LEU A 269 3.79 -2.65 -19.03
N TYR A 270 4.96 -2.25 -18.53
CA TYR A 270 6.20 -3.01 -18.71
C TYR A 270 7.17 -2.54 -17.67
N ASN A 271 7.41 -3.35 -16.63
CA ASN A 271 8.24 -2.97 -15.49
C ASN A 271 9.63 -2.48 -15.92
N LEU A 272 9.88 -1.18 -15.76
CA LEU A 272 11.14 -0.59 -16.22
C LEU A 272 11.70 0.40 -15.22
N ASP A 273 13.06 0.54 -15.25
CA ASP A 273 13.81 1.46 -14.43
C ASP A 273 14.04 2.69 -15.31
N VAL A 274 13.24 3.75 -15.07
CA VAL A 274 13.24 4.99 -15.82
C VAL A 274 13.93 6.09 -15.02
N PHE A 275 15.19 6.39 -15.36
CA PHE A 275 16.02 7.40 -14.67
C PHE A 275 15.44 8.80 -14.93
N GLN A 276 15.18 9.57 -13.84
CA GLN A 276 14.63 10.92 -13.87
C GLN A 276 13.31 10.97 -14.61
N TYR A 277 12.40 10.09 -14.18
CA TYR A 277 11.11 10.00 -14.81
C TYR A 277 10.37 11.34 -14.67
N GLU A 278 9.61 11.64 -15.71
CA GLU A 278 8.84 12.88 -15.81
C GLU A 278 7.37 12.67 -15.53
N LEU A 279 6.64 13.78 -15.39
CA LEU A 279 5.24 13.78 -14.95
C LEU A 279 4.23 13.98 -16.06
N ASN A 280 3.01 13.51 -15.78
CA ASN A 280 1.85 13.55 -16.66
C ASN A 280 2.08 12.95 -18.05
N ASN A 281 2.63 11.73 -18.08
CA ASN A 281 2.84 11.03 -19.34
C ASN A 281 2.59 9.53 -19.14
N PRO A 282 2.40 8.78 -20.25
CA PRO A 282 2.00 7.37 -20.13
C PRO A 282 3.15 6.37 -20.20
N MET A 283 4.40 6.81 -20.01
CA MET A 283 5.56 5.90 -20.06
C MET A 283 5.47 4.84 -18.96
N ALA A 284 5.86 3.60 -19.28
CA ALA A 284 5.86 2.53 -18.27
C ALA A 284 6.86 2.84 -17.16
N LEU A 285 6.43 2.69 -15.90
CA LEU A 285 7.32 2.83 -14.75
C LEU A 285 7.61 1.43 -14.17
N TYR A 286 7.98 1.31 -12.91
CA TYR A 286 8.58 0.10 -12.31
C TYR A 286 7.64 -1.07 -12.09
N GLY A 287 6.36 -0.79 -11.97
CA GLY A 287 5.34 -1.81 -11.72
C GLY A 287 4.21 -1.78 -12.72
N SER A 288 3.43 -2.86 -12.72
CA SER A 288 2.36 -3.06 -13.69
C SER A 288 1.22 -3.82 -13.06
N VAL A 289 0.02 -3.20 -12.95
CA VAL A 289 -1.16 -3.89 -12.44
C VAL A 289 -2.20 -3.79 -13.53
N PRO A 290 -2.44 -4.87 -14.31
CA PRO A 290 -3.38 -4.75 -15.45
C PRO A 290 -4.85 -4.85 -15.04
N VAL A 291 -5.30 -3.86 -14.26
CA VAL A 291 -6.64 -3.73 -13.73
C VAL A 291 -7.12 -2.32 -14.00
N LEU A 292 -8.27 -2.20 -14.63
CA LEU A 292 -8.87 -0.92 -14.92
C LEU A 292 -10.24 -0.86 -14.25
N LEU A 293 -10.50 0.23 -13.53
CA LEU A 293 -11.82 0.49 -12.93
C LEU A 293 -12.55 1.55 -13.71
N ALA A 294 -13.89 1.42 -13.80
CA ALA A 294 -14.74 2.39 -14.45
C ALA A 294 -15.83 2.82 -13.49
N HIS A 295 -15.98 4.13 -13.31
CA HIS A 295 -16.97 4.68 -12.42
C HIS A 295 -17.94 5.61 -13.14
N SER A 296 -19.21 5.50 -12.76
CA SER A 296 -20.26 6.45 -13.10
C SER A 296 -21.14 6.61 -11.87
N PHE A 297 -22.03 7.60 -11.93
CA PHE A 297 -23.08 7.84 -10.94
C PHE A 297 -23.90 6.55 -10.74
N HIS A 298 -24.11 5.76 -11.81
CA HIS A 298 -24.97 4.57 -11.75
C HIS A 298 -24.31 3.29 -11.34
N ARG A 299 -23.07 3.05 -11.77
CA ARG A 299 -22.46 1.76 -11.54
C ARG A 299 -20.94 1.85 -11.53
N ASP A 300 -20.32 0.78 -11.00
CA ASP A 300 -18.88 0.55 -11.01
C ASP A 300 -18.62 -0.77 -11.70
N LEU A 301 -17.54 -0.83 -12.45
CA LEU A 301 -17.12 -2.00 -13.19
C LEU A 301 -15.61 -2.04 -13.16
N GLY A 302 -15.06 -3.25 -13.26
CA GLY A 302 -13.63 -3.44 -13.39
C GLY A 302 -13.27 -4.46 -14.45
N ILE A 303 -12.08 -4.31 -15.05
CA ILE A 303 -11.54 -5.22 -16.06
C ILE A 303 -10.14 -5.62 -15.56
N PHE A 304 -9.91 -6.92 -15.40
CA PHE A 304 -8.61 -7.47 -14.98
C PHE A 304 -8.09 -8.35 -16.11
N TRP A 305 -7.06 -7.85 -16.81
CA TRP A 305 -6.43 -8.50 -17.95
C TRP A 305 -5.21 -9.30 -17.43
N LEU A 306 -5.41 -10.62 -17.19
CA LEU A 306 -4.37 -11.46 -16.58
C LEU A 306 -3.38 -11.92 -17.64
N ASN A 307 -2.36 -11.09 -17.87
CA ASN A 307 -1.28 -11.32 -18.82
C ASN A 307 -0.02 -10.70 -18.22
N ALA A 308 1.09 -11.45 -18.21
CA ALA A 308 2.36 -11.00 -17.62
C ALA A 308 3.32 -10.36 -18.63
N ALA A 309 2.99 -10.41 -19.95
CA ALA A 309 3.83 -9.83 -20.98
C ALA A 309 3.59 -8.32 -21.14
N GLU A 310 4.51 -7.67 -21.85
CA GLU A 310 4.44 -6.25 -22.23
C GLU A 310 3.06 -5.97 -22.76
N THR A 311 2.37 -5.01 -22.16
CA THR A 311 0.98 -4.68 -22.52
C THR A 311 0.80 -3.18 -22.73
N TRP A 312 0.05 -2.85 -23.77
CA TRP A 312 -0.25 -1.46 -24.12
C TRP A 312 -1.75 -1.35 -23.99
N VAL A 313 -2.24 -0.26 -23.39
CA VAL A 313 -3.66 -0.02 -23.16
C VAL A 313 -4.12 1.28 -23.83
N ASP A 314 -5.07 1.19 -24.78
CA ASP A 314 -5.63 2.39 -25.42
C ASP A 314 -6.98 2.71 -24.82
N ILE A 315 -7.25 4.01 -24.56
CA ILE A 315 -8.47 4.54 -23.98
C ILE A 315 -9.02 5.59 -24.95
N SER A 316 -10.27 5.46 -25.34
CA SER A 316 -10.93 6.40 -26.26
C SER A 316 -12.33 6.66 -25.73
N SER A 317 -12.81 7.90 -25.91
CA SER A 317 -14.12 8.35 -25.40
C SER A 317 -15.04 8.80 -26.54
N ASN A 318 -16.35 8.50 -26.40
CA ASN A 318 -17.38 8.81 -27.41
C ASN A 318 -18.56 9.51 -26.74
N THR A 338 -25.59 8.05 -23.70
CA THR A 338 -24.75 8.46 -24.83
C THR A 338 -23.24 8.38 -24.54
N PRO A 339 -22.71 8.83 -23.37
CA PRO A 339 -21.25 8.74 -23.18
C PRO A 339 -20.75 7.29 -23.09
N GLN A 340 -19.56 7.03 -23.63
CA GLN A 340 -18.98 5.71 -23.63
C GLN A 340 -17.47 5.79 -23.68
N THR A 341 -16.80 4.87 -22.95
CA THR A 341 -15.36 4.73 -22.97
C THR A 341 -15.02 3.33 -23.51
N ASP A 342 -14.14 3.29 -24.51
CA ASP A 342 -13.65 2.05 -25.07
C ASP A 342 -12.22 1.83 -24.62
N ILE A 343 -11.91 0.59 -24.26
CA ILE A 343 -10.61 0.18 -23.77
C ILE A 343 -10.08 -0.91 -24.68
N ARG A 344 -8.79 -0.85 -25.00
CA ARG A 344 -8.16 -1.87 -25.80
C ARG A 344 -6.83 -2.31 -25.13
N TRP A 345 -6.67 -3.61 -24.95
CA TRP A 345 -5.47 -4.23 -24.36
C TRP A 345 -4.70 -4.92 -25.45
N MET A 346 -3.39 -4.75 -25.47
CA MET A 346 -2.53 -5.37 -26.51
C MET A 346 -1.31 -5.97 -25.83
N SER A 347 -1.20 -7.30 -25.81
CA SER A 347 -0.11 -8.00 -25.13
C SER A 347 0.82 -8.77 -26.08
N GLU A 348 2.11 -8.84 -25.74
CA GLU A 348 3.10 -9.49 -26.61
C GLU A 348 2.90 -11.00 -26.80
N SER A 349 2.48 -11.69 -25.76
CA SER A 349 2.36 -13.12 -25.84
C SER A 349 1.34 -13.59 -24.80
N GLY A 350 1.27 -14.90 -24.61
CA GLY A 350 0.34 -15.53 -23.68
C GLY A 350 -1.04 -15.67 -24.30
N ILE A 351 -2.04 -15.95 -23.47
CA ILE A 351 -3.41 -16.09 -23.95
C ILE A 351 -4.18 -14.82 -23.60
N ILE A 352 -5.40 -14.74 -24.09
CA ILE A 352 -6.35 -13.73 -23.69
C ILE A 352 -7.00 -14.38 -22.48
N ASP A 353 -6.84 -13.76 -21.30
CA ASP A 353 -7.48 -14.20 -20.07
C ASP A 353 -7.95 -12.94 -19.38
N VAL A 354 -9.27 -12.72 -19.35
CA VAL A 354 -9.79 -11.48 -18.81
C VAL A 354 -10.96 -11.73 -17.91
N PHE A 355 -10.94 -11.01 -16.78
CA PHE A 355 -12.02 -11.02 -15.81
C PHE A 355 -12.79 -9.70 -15.89
N LEU A 356 -14.10 -9.80 -15.99
CA LEU A 356 -15.02 -8.67 -15.98
C LEU A 356 -15.70 -8.71 -14.64
N MET A 357 -15.47 -7.68 -13.84
CA MET A 357 -15.96 -7.56 -12.47
C MET A 357 -17.09 -6.60 -12.52
N LEU A 358 -18.33 -7.12 -12.39
CA LEU A 358 -19.52 -6.32 -12.66
C LEU A 358 -20.11 -5.54 -11.51
N GLY A 359 -19.41 -5.48 -10.39
CA GLY A 359 -19.87 -4.63 -9.30
C GLY A 359 -21.18 -5.12 -8.73
N PRO A 360 -22.23 -4.28 -8.56
CA PRO A 360 -22.42 -2.91 -9.03
C PRO A 360 -21.74 -1.75 -8.29
N SER A 361 -21.44 -1.87 -6.99
CA SER A 361 -20.75 -0.76 -6.28
C SER A 361 -19.24 -0.94 -6.42
N VAL A 362 -18.47 0.13 -6.10
CA VAL A 362 -17.01 0.02 -6.16
C VAL A 362 -16.49 -0.96 -5.10
N PHE A 363 -17.19 -1.06 -3.96
CA PHE A 363 -16.85 -1.99 -2.88
C PHE A 363 -17.05 -3.45 -3.31
N ASP A 364 -18.07 -3.71 -4.17
CA ASP A 364 -18.29 -5.03 -4.76
C ASP A 364 -17.13 -5.38 -5.72
N VAL A 365 -16.65 -4.39 -6.52
CA VAL A 365 -15.52 -4.61 -7.43
C VAL A 365 -14.27 -4.91 -6.61
N PHE A 366 -14.04 -4.17 -5.51
CA PHE A 366 -12.88 -4.42 -4.62
C PHE A 366 -12.93 -5.90 -4.09
N ARG A 367 -14.12 -6.35 -3.66
CA ARG A 367 -14.29 -7.71 -3.12
C ARG A 367 -14.06 -8.77 -4.21
N GLN A 368 -14.64 -8.51 -5.39
CA GLN A 368 -14.48 -9.33 -6.59
C GLN A 368 -13.00 -9.53 -6.93
N TYR A 369 -12.27 -8.43 -7.05
CA TYR A 369 -10.84 -8.46 -7.33
C TYR A 369 -10.02 -9.15 -6.23
N ALA A 370 -10.33 -8.87 -4.95
CA ALA A 370 -9.66 -9.51 -3.79
C ALA A 370 -9.92 -11.04 -3.75
N SER A 371 -11.11 -11.49 -4.22
CA SER A 371 -11.42 -12.92 -4.28
C SER A 371 -10.48 -13.64 -5.30
N LEU A 372 -9.99 -12.89 -6.30
CA LEU A 372 -9.11 -13.44 -7.32
C LEU A 372 -7.66 -13.41 -6.95
N THR A 373 -7.15 -12.22 -6.55
CA THR A 373 -5.69 -12.02 -6.32
C THR A 373 -5.27 -11.84 -4.87
N GLY A 374 -6.22 -11.92 -3.95
CA GLY A 374 -5.95 -11.80 -2.53
C GLY A 374 -6.04 -10.38 -2.02
N THR A 375 -5.75 -10.23 -0.73
CA THR A 375 -5.81 -8.96 -0.01
C THR A 375 -4.42 -8.53 0.48
N GLN A 376 -4.32 -7.26 0.83
CA GLN A 376 -3.14 -6.64 1.39
C GLN A 376 -2.64 -7.41 2.66
N ALA A 377 -1.36 -7.80 2.67
CA ALA A 377 -0.74 -8.44 3.84
C ALA A 377 -0.79 -7.46 5.00
N LEU A 378 -1.18 -7.92 6.21
CA LEU A 378 -1.31 -7.07 7.39
C LEU A 378 0.06 -6.59 7.80
N PRO A 379 0.37 -5.30 7.61
CA PRO A 379 1.71 -4.84 7.97
C PRO A 379 2.04 -4.99 9.44
N PRO A 380 3.25 -5.40 9.83
CA PRO A 380 3.63 -5.33 11.25
C PRO A 380 3.52 -3.86 11.63
N LEU A 381 3.03 -3.58 12.85
CA LEU A 381 2.77 -2.20 13.27
C LEU A 381 3.96 -1.24 13.05
N PHE A 382 5.20 -1.66 13.36
CA PHE A 382 6.36 -0.76 13.19
C PHE A 382 6.48 -0.17 11.76
N SER A 383 6.08 -0.96 10.74
CA SER A 383 6.19 -0.58 9.34
C SER A 383 5.22 0.50 8.92
N LEU A 384 4.19 0.79 9.73
CA LEU A 384 3.28 1.90 9.55
C LEU A 384 3.80 3.19 10.28
N GLY A 385 4.95 3.10 10.93
CA GLY A 385 5.61 4.22 11.57
C GLY A 385 6.44 4.97 10.55
N TYR A 386 7.33 5.84 11.03
CA TYR A 386 8.18 6.65 10.19
C TYR A 386 9.52 5.94 9.93
N HIS A 387 9.93 5.91 8.63
CA HIS A 387 11.16 5.28 8.15
C HIS A 387 12.15 6.37 7.74
N GLN A 388 13.40 6.30 8.24
CA GLN A 388 14.46 7.24 7.89
C GLN A 388 15.51 6.55 7.00
N SER A 389 15.65 7.00 5.77
CA SER A 389 16.58 6.45 4.80
C SER A 389 17.33 7.52 4.02
N ARG A 390 18.44 7.07 3.40
CA ARG A 390 19.21 7.72 2.37
C ARG A 390 20.19 6.74 1.75
N TRP A 391 20.71 7.12 0.59
CA TRP A 391 21.78 6.44 -0.10
C TRP A 391 22.95 7.35 0.23
N ASN A 392 23.79 7.08 1.23
CA ASN A 392 23.79 6.00 2.19
C ASN A 392 24.20 6.50 3.53
N TYR A 393 23.78 5.81 4.58
CA TYR A 393 24.36 6.05 5.88
C TYR A 393 25.76 5.38 5.80
N ARG A 394 26.77 6.07 6.27
CA ARG A 394 28.19 5.73 6.10
C ARG A 394 28.60 4.44 6.72
N ASP A 395 28.24 4.26 7.98
CA ASP A 395 28.69 3.12 8.75
C ASP A 395 27.83 3.01 10.00
N GLU A 396 28.22 2.11 10.91
CA GLU A 396 27.52 1.89 12.17
C GLU A 396 27.43 3.16 12.99
N ALA A 397 28.54 3.92 13.11
CA ALA A 397 28.57 5.18 13.87
C ALA A 397 27.52 6.16 13.32
N ASP A 398 27.42 6.29 11.98
CA ASP A 398 26.43 7.19 11.38
C ASP A 398 24.99 6.71 11.72
N VAL A 399 24.73 5.42 11.60
CA VAL A 399 23.41 4.85 11.96
C VAL A 399 23.05 5.20 13.40
N LEU A 400 24.01 5.01 14.32
CA LEU A 400 23.78 5.29 15.74
C LEU A 400 23.65 6.78 16.04
N GLU A 401 24.35 7.67 15.31
CA GLU A 401 24.16 9.11 15.49
C GLU A 401 22.76 9.52 15.01
N VAL A 402 22.31 8.95 13.87
CA VAL A 402 20.95 9.22 13.33
C VAL A 402 19.90 8.78 14.37
N ASP A 403 20.08 7.57 14.92
CA ASP A 403 19.20 7.05 15.96
C ASP A 403 19.14 8.04 17.16
N GLN A 404 20.31 8.45 17.66
CA GLN A 404 20.41 9.38 18.78
C GLN A 404 19.84 10.77 18.46
N GLY A 405 19.99 11.21 17.21
CA GLY A 405 19.45 12.46 16.71
C GLY A 405 17.94 12.54 16.86
N PHE A 406 17.23 11.45 16.54
CA PHE A 406 15.77 11.42 16.73
C PHE A 406 15.40 11.62 18.21
N ASP A 407 16.08 10.95 19.10
CA ASP A 407 15.78 11.03 20.53
C ASP A 407 16.21 12.37 21.13
N ASP A 408 17.32 12.91 20.71
CA ASP A 408 17.79 14.21 21.19
C ASP A 408 16.89 15.34 20.75
N HIS A 409 16.16 15.18 19.62
CA HIS A 409 15.28 16.20 19.07
C HIS A 409 13.81 15.87 19.22
N ASN A 410 13.49 14.81 20.00
CA ASN A 410 12.11 14.39 20.27
C ASN A 410 11.27 14.23 18.99
N MET A 411 11.76 13.40 18.10
CA MET A 411 11.11 13.11 16.84
C MET A 411 10.99 11.59 16.76
N PRO A 412 9.80 11.03 16.64
CA PRO A 412 9.71 9.55 16.58
C PRO A 412 10.15 8.99 15.23
N CYS A 413 10.70 7.76 15.30
CA CYS A 413 11.18 7.03 14.13
C CYS A 413 11.20 5.51 14.48
N ASP A 414 10.67 4.64 13.62
CA ASP A 414 10.69 3.19 13.88
C ASP A 414 11.86 2.46 13.26
N VAL A 415 12.32 2.94 12.09
CA VAL A 415 13.27 2.23 11.27
C VAL A 415 14.27 3.15 10.60
N ILE A 416 15.53 2.66 10.57
CA ILE A 416 16.64 3.28 9.88
C ILE A 416 17.05 2.30 8.78
N TRP A 417 17.29 2.82 7.58
CA TRP A 417 17.52 2.03 6.37
C TRP A 417 18.95 2.06 5.87
N LEU A 418 19.41 0.91 5.37
CA LEU A 418 20.76 0.69 4.86
C LEU A 418 20.67 0.36 3.40
N ASP A 419 21.11 1.31 2.57
CA ASP A 419 21.08 1.20 1.12
C ASP A 419 22.35 0.42 0.68
N ILE A 420 22.57 0.24 -0.62
CA ILE A 420 23.59 -0.65 -1.20
C ILE A 420 25.03 -0.48 -0.72
N GLU A 421 25.41 0.67 -0.15
CA GLU A 421 26.78 0.86 0.34
C GLU A 421 27.06 0.09 1.63
N HIS A 422 26.05 -0.51 2.29
CA HIS A 422 26.27 -1.27 3.50
C HIS A 422 26.91 -2.63 3.26
N ALA A 423 26.68 -3.23 2.09
CA ALA A 423 27.18 -4.56 1.74
C ALA A 423 28.66 -4.53 1.30
N ASP A 424 29.29 -5.70 1.20
CA ASP A 424 30.67 -5.81 0.69
C ASP A 424 30.62 -5.74 -0.85
N GLY A 425 30.90 -4.55 -1.39
CA GLY A 425 30.89 -4.28 -2.82
C GLY A 425 29.68 -4.75 -3.59
N LYS A 426 28.48 -4.54 -2.98
CA LYS A 426 27.19 -4.87 -3.59
C LYS A 426 27.00 -6.38 -3.80
N ARG A 427 27.62 -7.18 -2.93
CA ARG A 427 27.38 -8.61 -2.83
C ARG A 427 26.25 -8.64 -1.78
N TYR A 428 25.03 -8.99 -2.14
CA TYR A 428 23.94 -8.96 -1.15
C TYR A 428 24.06 -10.10 -0.15
N PHE A 429 23.46 -9.86 1.03
CA PHE A 429 23.55 -10.73 2.21
C PHE A 429 24.96 -10.61 2.86
N THR A 430 25.70 -9.53 2.58
CA THR A 430 27.03 -9.29 3.18
C THR A 430 27.06 -7.91 3.76
N TRP A 431 28.11 -7.66 4.51
CA TRP A 431 28.35 -6.40 5.20
C TRP A 431 29.75 -5.88 4.86
N ASP A 432 29.88 -4.58 4.58
CA ASP A 432 31.22 -4.01 4.35
C ASP A 432 32.00 -4.14 5.69
N PRO A 433 33.16 -4.82 5.68
CA PRO A 433 33.87 -5.10 6.93
C PRO A 433 34.49 -3.87 7.64
N THR A 434 34.61 -2.70 6.98
CA THR A 434 35.04 -1.44 7.61
C THR A 434 33.81 -0.66 8.13
N ARG A 435 32.76 -0.56 7.32
CA ARG A 435 31.54 0.22 7.63
C ARG A 435 30.64 -0.47 8.61
N PHE A 436 30.47 -1.78 8.45
CA PHE A 436 29.57 -2.56 9.31
C PHE A 436 30.30 -3.82 9.80
N PRO A 437 31.37 -3.65 10.61
CA PRO A 437 32.11 -4.84 11.12
C PRO A 437 31.34 -5.70 12.10
N GLN A 438 30.41 -5.10 12.84
CA GLN A 438 29.67 -5.80 13.91
C GLN A 438 28.16 -5.54 13.74
N PRO A 439 27.55 -6.05 12.66
CA PRO A 439 26.12 -5.76 12.43
C PRO A 439 25.19 -6.16 13.55
N LEU A 440 25.45 -7.31 14.21
CA LEU A 440 24.63 -7.74 15.34
C LEU A 440 24.66 -6.75 16.48
N ASN A 441 25.81 -6.11 16.74
CA ASN A 441 25.95 -5.14 17.82
C ASN A 441 25.15 -3.91 17.49
N MET A 442 25.19 -3.46 16.22
CA MET A 442 24.38 -2.30 15.76
C MET A 442 22.87 -2.66 15.91
N LEU A 443 22.47 -3.86 15.51
CA LEU A 443 21.08 -4.31 15.66
C LEU A 443 20.64 -4.40 17.12
N GLU A 444 21.53 -4.86 17.99
CA GLU A 444 21.24 -4.91 19.45
C GLU A 444 21.05 -3.48 20.01
N HIS A 445 21.87 -2.49 19.54
CA HIS A 445 21.72 -1.09 19.96
CA HIS A 445 21.73 -1.09 19.95
C HIS A 445 20.37 -0.55 19.49
N LEU A 446 19.95 -0.83 18.22
CA LEU A 446 18.64 -0.38 17.72
C LEU A 446 17.51 -1.06 18.49
N ALA A 447 17.66 -2.34 18.82
CA ALA A 447 16.69 -3.09 19.63
C ALA A 447 16.56 -2.50 21.07
N SER A 448 17.66 -1.97 21.66
CA SER A 448 17.59 -1.32 22.99
C SER A 448 16.77 -0.02 22.93
N LYS A 449 16.69 0.60 21.74
CA LYS A 449 15.88 1.80 21.47
C LYS A 449 14.46 1.41 20.96
N ARG A 450 14.17 0.10 20.89
CA ARG A 450 12.93 -0.45 20.35
C ARG A 450 12.67 -0.01 18.91
N ARG A 451 13.72 -0.09 18.10
CA ARG A 451 13.70 0.27 16.69
C ARG A 451 14.16 -0.89 15.82
N LYS A 452 13.92 -0.75 14.52
CA LYS A 452 14.27 -1.75 13.52
C LYS A 452 15.24 -1.17 12.53
N LEU A 453 15.75 -2.05 11.67
CA LEU A 453 16.64 -1.70 10.57
C LEU A 453 16.14 -2.41 9.32
N VAL A 454 16.33 -1.79 8.16
CA VAL A 454 16.03 -2.39 6.88
C VAL A 454 17.31 -2.42 6.05
N ALA A 455 17.58 -3.56 5.44
CA ALA A 455 18.76 -3.75 4.58
C ALA A 455 18.30 -4.06 3.17
N ILE A 456 18.93 -3.40 2.19
CA ILE A 456 18.62 -3.62 0.79
C ILE A 456 19.19 -5.01 0.31
N VAL A 457 18.37 -5.78 -0.38
CA VAL A 457 18.76 -7.06 -1.01
C VAL A 457 18.16 -7.03 -2.43
N ASP A 458 19.00 -6.93 -3.47
CA ASP A 458 18.53 -6.87 -4.85
C ASP A 458 18.66 -8.22 -5.55
N PRO A 459 17.89 -8.46 -6.63
CA PRO A 459 17.96 -9.76 -7.34
C PRO A 459 18.99 -9.83 -8.48
N HIS A 460 20.19 -9.37 -8.23
CA HIS A 460 21.34 -9.49 -9.16
C HIS A 460 22.50 -9.85 -8.25
N ILE A 461 23.30 -10.82 -8.69
CA ILE A 461 24.36 -11.45 -7.89
C ILE A 461 25.66 -11.24 -8.57
N LYS A 462 26.64 -10.59 -7.89
CA LYS A 462 27.97 -10.34 -8.45
C LYS A 462 28.60 -11.63 -8.96
N VAL A 463 29.10 -11.63 -10.21
CA VAL A 463 29.83 -12.78 -10.78
C VAL A 463 31.19 -12.76 -10.06
N ASP A 464 31.35 -13.60 -9.04
CA ASP A 464 32.54 -13.64 -8.22
C ASP A 464 32.68 -15.02 -7.59
N SER A 465 33.78 -15.74 -7.91
CA SER A 465 33.96 -17.11 -7.39
C SER A 465 34.17 -17.19 -5.89
N GLY A 466 34.57 -16.10 -5.25
CA GLY A 466 34.73 -16.09 -3.79
C GLY A 466 33.45 -15.74 -3.05
N TYR A 467 32.38 -15.37 -3.80
CA TYR A 467 31.08 -15.00 -3.25
C TYR A 467 30.20 -16.23 -3.21
N ARG A 468 29.91 -16.73 -2.00
CA ARG A 468 29.18 -18.00 -1.80
C ARG A 468 27.84 -18.11 -2.53
N VAL A 469 27.10 -17.01 -2.59
CA VAL A 469 25.77 -16.95 -3.20
C VAL A 469 25.89 -17.23 -4.69
N HIS A 470 26.85 -16.54 -5.36
CA HIS A 470 27.12 -16.76 -6.78
C HIS A 470 27.53 -18.21 -7.04
N GLU A 471 28.46 -18.73 -6.25
CA GLU A 471 28.91 -20.11 -6.46
C GLU A 471 27.76 -21.12 -6.39
N GLU A 472 26.91 -21.03 -5.37
CA GLU A 472 25.77 -21.94 -5.21
C GLU A 472 24.75 -21.79 -6.33
N LEU A 473 24.41 -20.56 -6.72
CA LEU A 473 23.47 -20.33 -7.81
C LEU A 473 24.02 -20.75 -9.18
N ARG A 474 25.30 -20.51 -9.40
CA ARG A 474 25.94 -20.97 -10.63
C ARG A 474 25.94 -22.53 -10.61
N ASN A 475 26.38 -23.12 -9.49
CA ASN A 475 26.52 -24.57 -9.34
C ASN A 475 25.22 -25.31 -9.50
N HIS A 476 24.11 -24.73 -9.05
CA HIS A 476 22.80 -25.38 -9.15
C HIS A 476 21.97 -24.92 -10.36
N GLY A 477 22.57 -24.16 -11.28
CA GLY A 477 21.93 -23.72 -12.52
C GLY A 477 20.70 -22.84 -12.34
N LEU A 478 20.60 -22.11 -11.24
CA LEU A 478 19.41 -21.30 -10.91
C LEU A 478 19.39 -19.90 -11.51
N TYR A 479 20.34 -19.56 -12.40
CA TYR A 479 20.32 -18.25 -13.06
C TYR A 479 19.52 -18.28 -14.31
N VAL A 480 19.03 -17.10 -14.68
CA VAL A 480 18.35 -16.90 -15.94
C VAL A 480 19.41 -17.13 -17.04
N LYS A 481 19.05 -17.81 -18.12
CA LYS A 481 19.98 -18.18 -19.19
C LYS A 481 19.71 -17.44 -20.47
N THR A 482 20.66 -17.49 -21.40
CA THR A 482 20.50 -17.00 -22.76
C THR A 482 20.14 -18.25 -23.59
N ARG A 483 19.80 -18.09 -24.87
CA ARG A 483 19.44 -19.21 -25.76
C ARG A 483 20.48 -20.32 -25.92
N ASP A 484 21.78 -19.99 -25.86
CA ASP A 484 22.85 -20.99 -25.97
C ASP A 484 23.09 -21.82 -24.67
N GLY A 485 22.25 -21.65 -23.64
CA GLY A 485 22.36 -22.39 -22.39
C GLY A 485 23.27 -21.78 -21.33
N SER A 486 24.01 -20.71 -21.65
CA SER A 486 24.90 -20.11 -20.66
C SER A 486 24.15 -19.13 -19.74
N ASP A 487 24.71 -18.89 -18.53
CA ASP A 487 24.12 -17.97 -17.56
C ASP A 487 24.20 -16.56 -18.10
N TYR A 488 23.05 -15.85 -18.13
CA TYR A 488 23.03 -14.47 -18.61
C TYR A 488 23.86 -13.61 -17.62
N GLU A 489 24.72 -12.78 -18.18
CA GLU A 489 25.53 -11.87 -17.40
C GLU A 489 25.23 -10.47 -17.88
N GLY A 490 24.70 -9.66 -16.99
CA GLY A 490 24.42 -8.26 -17.26
C GLY A 490 25.24 -7.38 -16.35
N TRP A 491 25.12 -6.07 -16.53
CA TRP A 491 25.83 -5.09 -15.70
CA TRP A 491 25.85 -5.09 -15.72
C TRP A 491 24.86 -4.41 -14.75
N CYS A 492 25.19 -4.38 -13.45
CA CYS A 492 24.38 -3.68 -12.45
C CYS A 492 25.34 -3.13 -11.38
N TRP A 493 24.84 -2.84 -10.16
CA TRP A 493 25.66 -2.28 -9.07
C TRP A 493 27.00 -3.00 -8.78
N PRO A 494 27.06 -4.34 -8.79
CA PRO A 494 28.35 -5.01 -8.52
C PRO A 494 29.22 -5.23 -9.78
N GLY A 495 28.92 -4.56 -10.88
CA GLY A 495 29.60 -4.71 -12.16
C GLY A 495 28.92 -5.90 -12.86
N SER A 496 29.71 -6.88 -13.36
CA SER A 496 29.16 -8.10 -13.98
CA SER A 496 29.15 -8.09 -13.99
C SER A 496 28.31 -8.86 -12.95
N ALA A 497 27.08 -9.16 -13.29
CA ALA A 497 26.17 -9.81 -12.34
C ALA A 497 25.23 -10.74 -13.08
N SER A 498 24.78 -11.79 -12.41
CA SER A 498 23.79 -12.69 -13.02
C SER A 498 22.48 -12.52 -12.28
N TYR A 499 21.38 -12.98 -12.90
CA TYR A 499 20.04 -12.81 -12.41
C TYR A 499 19.40 -14.11 -12.01
N PRO A 500 19.16 -14.32 -10.72
CA PRO A 500 18.49 -15.56 -10.32
C PRO A 500 17.13 -15.68 -10.99
N ASP A 501 16.78 -16.91 -11.39
CA ASP A 501 15.50 -17.11 -12.04
C ASP A 501 14.39 -17.25 -10.98
N PHE A 502 13.79 -16.11 -10.58
CA PHE A 502 12.74 -16.11 -9.56
C PHE A 502 11.41 -16.77 -10.03
N THR A 503 11.25 -17.08 -11.33
CA THR A 503 10.08 -17.82 -11.83
C THR A 503 10.19 -19.31 -11.45
N ASN A 504 11.42 -19.78 -11.18
CA ASN A 504 11.67 -21.18 -10.76
C ASN A 504 11.30 -21.33 -9.29
N PRO A 505 10.34 -22.22 -8.91
CA PRO A 505 9.99 -22.37 -7.47
C PRO A 505 11.14 -22.80 -6.54
N ARG A 506 12.13 -23.59 -7.06
CA ARG A 506 13.32 -24.01 -6.30
C ARG A 506 14.20 -22.81 -6.01
N MET A 507 14.25 -21.84 -6.94
CA MET A 507 15.05 -20.63 -6.71
CA MET A 507 15.06 -20.66 -6.73
C MET A 507 14.40 -19.81 -5.64
N ARG A 508 13.06 -19.70 -5.64
CA ARG A 508 12.36 -18.97 -4.61
C ARG A 508 12.58 -19.66 -3.25
N ALA A 509 12.60 -21.02 -3.23
CA ALA A 509 12.85 -21.77 -2.00
C ALA A 509 14.28 -21.51 -1.49
N TRP A 510 15.23 -21.49 -2.41
CA TRP A 510 16.62 -21.23 -2.08
C TRP A 510 16.75 -19.83 -1.49
N TRP A 511 16.12 -18.84 -2.14
CA TRP A 511 16.16 -17.44 -1.68
C TRP A 511 15.56 -17.28 -0.30
N SER A 512 14.42 -17.94 -0.05
CA SER A 512 13.77 -17.82 1.24
CA SER A 512 13.75 -17.87 1.24
C SER A 512 14.67 -18.42 2.34
N ASN A 513 15.32 -19.56 2.06
CA ASN A 513 16.21 -20.19 3.03
C ASN A 513 17.47 -19.33 3.29
N MET A 514 17.90 -18.49 2.33
CA MET A 514 19.03 -17.57 2.50
C MET A 514 18.80 -16.53 3.61
N PHE A 515 17.53 -16.25 3.94
CA PHE A 515 17.16 -15.33 5.04
C PHE A 515 17.22 -15.99 6.42
N SER A 516 17.51 -17.31 6.53
CA SER A 516 17.67 -17.92 7.85
C SER A 516 18.82 -17.19 8.58
N PHE A 517 18.73 -17.10 9.92
CA PHE A 517 19.76 -16.41 10.71
C PHE A 517 21.12 -17.10 10.62
N ASP A 518 21.17 -18.37 10.25
CA ASP A 518 22.42 -19.12 10.04
C ASP A 518 23.05 -18.78 8.69
N ASN A 519 22.24 -18.48 7.65
CA ASN A 519 22.71 -18.16 6.31
C ASN A 519 23.00 -16.68 6.13
N TYR A 520 22.10 -15.79 6.59
CA TYR A 520 22.33 -14.35 6.48
C TYR A 520 23.01 -13.92 7.77
N GLU A 521 24.33 -14.09 7.83
CA GLU A 521 25.12 -13.74 8.99
C GLU A 521 25.06 -12.23 9.23
N GLY A 522 24.89 -11.87 10.51
CA GLY A 522 24.76 -10.49 10.93
C GLY A 522 23.34 -9.99 10.98
N SER A 523 22.35 -10.83 10.56
CA SER A 523 20.94 -10.47 10.61
C SER A 523 20.35 -10.93 11.94
N ALA A 524 19.25 -10.27 12.30
CA ALA A 524 18.55 -10.53 13.56
C ALA A 524 17.04 -10.28 13.35
N PRO A 525 16.17 -10.66 14.31
CA PRO A 525 14.72 -10.46 14.13
C PRO A 525 14.28 -9.02 13.93
N ASN A 526 15.13 -8.00 14.24
CA ASN A 526 14.75 -6.62 13.96
C ASN A 526 15.35 -6.05 12.65
N LEU A 527 15.84 -6.94 11.74
CA LEU A 527 16.35 -6.56 10.43
CA LEU A 527 16.34 -6.57 10.44
C LEU A 527 15.28 -6.98 9.43
N TYR A 528 14.77 -6.03 8.64
CA TYR A 528 13.75 -6.27 7.59
C TYR A 528 14.38 -5.91 6.24
N VAL A 529 13.64 -6.12 5.13
CA VAL A 529 14.27 -6.12 3.83
C VAL A 529 13.61 -5.22 2.79
N TRP A 530 14.46 -4.70 1.93
CA TRP A 530 14.08 -3.84 0.81
C TRP A 530 14.57 -4.50 -0.48
N ASN A 531 13.61 -4.84 -1.37
CA ASN A 531 13.87 -5.39 -2.70
C ASN A 531 13.80 -4.29 -3.71
N ASP A 532 14.93 -3.99 -4.32
CA ASP A 532 15.02 -2.91 -5.30
C ASP A 532 15.57 -3.45 -6.61
N MET A 533 15.45 -2.66 -7.70
CA MET A 533 15.99 -3.00 -9.03
C MET A 533 15.42 -4.33 -9.54
N ASN A 534 14.19 -4.69 -9.10
CA ASN A 534 13.61 -6.01 -9.40
C ASN A 534 12.64 -6.03 -10.59
N GLU A 535 12.81 -5.11 -11.54
CA GLU A 535 12.07 -5.07 -12.80
C GLU A 535 12.32 -6.27 -13.72
N PRO A 536 13.55 -6.81 -13.92
CA PRO A 536 14.85 -6.46 -13.35
C PRO A 536 15.56 -5.32 -14.06
N SER A 537 16.29 -4.50 -13.31
CA SER A 537 17.10 -3.44 -13.88
C SER A 537 18.45 -4.09 -14.31
N VAL A 538 18.81 -3.89 -15.58
CA VAL A 538 20.02 -4.39 -16.22
C VAL A 538 20.62 -3.19 -16.94
N PHE A 539 21.73 -2.62 -16.45
CA PHE A 539 22.31 -1.38 -16.98
C PHE A 539 22.72 -1.40 -18.46
N ASN A 540 23.21 -2.52 -18.96
CA ASN A 540 23.55 -2.69 -20.38
C ASN A 540 22.47 -3.50 -21.20
N GLY A 541 21.23 -3.59 -20.69
CA GLY A 541 20.16 -4.28 -21.39
C GLY A 541 19.23 -3.33 -22.13
N PRO A 542 18.41 -3.83 -23.07
CA PRO A 542 17.48 -2.93 -23.80
C PRO A 542 16.47 -2.35 -22.83
N GLU A 543 16.32 -1.01 -22.85
CA GLU A 543 15.43 -0.29 -21.94
C GLU A 543 15.82 -0.47 -20.49
N VAL A 544 17.11 -0.73 -20.25
CA VAL A 544 17.68 -0.94 -18.92
C VAL A 544 17.05 -2.21 -18.26
N THR A 545 16.63 -3.21 -19.05
CA THR A 545 16.08 -4.45 -18.49
C THR A 545 16.62 -5.65 -19.26
N MET A 546 16.13 -6.84 -18.88
CA MET A 546 16.55 -8.11 -19.45
CA MET A 546 16.57 -8.09 -19.46
C MET A 546 16.18 -8.25 -20.92
N LEU A 547 17.02 -8.99 -21.66
CA LEU A 547 16.81 -9.31 -23.07
C LEU A 547 15.50 -10.09 -23.19
N LYS A 548 14.72 -9.77 -24.21
CA LYS A 548 13.41 -10.38 -24.47
C LYS A 548 13.51 -11.90 -24.66
N ASP A 549 14.59 -12.36 -25.29
CA ASP A 549 14.83 -13.77 -25.61
C ASP A 549 15.69 -14.54 -24.57
N ALA A 550 15.89 -13.97 -23.35
CA ALA A 550 16.51 -14.72 -22.26
C ALA A 550 15.50 -15.86 -21.90
N VAL A 551 16.00 -16.96 -21.32
CA VAL A 551 15.23 -18.16 -21.05
C VAL A 551 15.09 -18.42 -19.55
N HIS A 552 13.85 -18.77 -19.16
CA HIS A 552 13.44 -19.01 -17.80
C HIS A 552 12.94 -20.44 -17.64
N TYR A 553 12.66 -20.81 -16.40
CA TYR A 553 12.07 -22.06 -15.94
C TYR A 553 10.95 -22.54 -16.89
N GLY A 554 10.99 -23.80 -17.29
CA GLY A 554 10.01 -24.39 -18.19
C GLY A 554 10.25 -24.10 -19.66
N GLY A 555 11.27 -23.32 -19.98
CA GLY A 555 11.58 -22.91 -21.34
C GLY A 555 10.90 -21.62 -21.79
N TRP A 556 10.19 -20.94 -20.91
CA TRP A 556 9.51 -19.70 -21.23
C TRP A 556 10.49 -18.58 -21.47
N GLU A 557 10.19 -17.70 -22.41
CA GLU A 557 11.06 -16.57 -22.67
C GLU A 557 10.83 -15.44 -21.65
N HIS A 558 11.84 -14.54 -21.45
CA HIS A 558 11.68 -13.37 -20.60
C HIS A 558 10.43 -12.52 -21.01
N ARG A 559 10.19 -12.37 -22.32
CA ARG A 559 9.01 -11.66 -22.84
C ARG A 559 7.68 -12.21 -22.26
N ASP A 560 7.61 -13.51 -21.95
CA ASP A 560 6.40 -14.16 -21.44
C ASP A 560 6.10 -13.84 -20.00
N ILE A 561 7.16 -13.63 -19.19
CA ILE A 561 7.06 -13.51 -17.76
C ILE A 561 7.44 -12.16 -17.18
N HIS A 562 8.01 -11.25 -17.99
CA HIS A 562 8.59 -10.01 -17.47
C HIS A 562 7.89 -9.38 -16.28
N ASN A 563 6.61 -9.07 -16.38
CA ASN A 563 5.91 -8.29 -15.35
C ASN A 563 5.66 -9.01 -14.02
N ILE A 564 5.91 -10.34 -13.90
CA ILE A 564 5.83 -11.05 -12.61
C ILE A 564 7.21 -11.36 -12.02
N TYR A 565 8.31 -11.01 -12.73
CA TYR A 565 9.64 -11.26 -12.19
C TYR A 565 9.81 -10.56 -10.84
N GLY A 566 9.47 -9.27 -10.77
CA GLY A 566 9.58 -8.50 -9.53
C GLY A 566 8.70 -9.00 -8.40
N LEU A 567 7.45 -9.36 -8.71
CA LEU A 567 6.50 -9.97 -7.75
C LEU A 567 7.12 -11.24 -7.15
N TYR A 568 7.76 -12.06 -7.97
CA TYR A 568 8.40 -13.27 -7.45
C TYR A 568 9.53 -12.98 -6.45
N VAL A 569 10.33 -11.93 -6.68
CA VAL A 569 11.41 -11.51 -5.77
C VAL A 569 10.78 -11.09 -4.42
N HIS A 570 9.73 -10.30 -4.50
CA HIS A 570 8.97 -9.81 -3.34
C HIS A 570 8.38 -10.97 -2.51
N MET A 571 7.74 -11.91 -3.20
CA MET A 571 7.13 -13.09 -2.59
C MET A 571 8.16 -13.95 -1.86
N ALA A 572 9.28 -14.26 -2.54
CA ALA A 572 10.30 -15.12 -1.93
C ALA A 572 11.02 -14.42 -0.74
N THR A 573 11.22 -13.09 -0.79
CA THR A 573 11.83 -12.36 0.32
C THR A 573 10.89 -12.38 1.54
N ALA A 574 9.60 -12.08 1.33
CA ALA A 574 8.57 -12.11 2.37
C ALA A 574 8.52 -13.50 3.03
N ASP A 575 8.53 -14.56 2.22
CA ASP A 575 8.52 -15.93 2.72
CA ASP A 575 8.52 -15.92 2.73
C ASP A 575 9.80 -16.20 3.53
N GLY A 576 10.95 -15.69 3.07
CA GLY A 576 12.22 -15.80 3.80
C GLY A 576 12.12 -15.22 5.21
N LEU A 577 11.49 -14.03 5.36
CA LEU A 577 11.31 -13.39 6.66
C LEU A 577 10.34 -14.14 7.55
N ILE A 578 9.28 -14.78 6.96
CA ILE A 578 8.33 -15.59 7.72
C ILE A 578 9.09 -16.88 8.20
N GLN A 579 9.75 -17.57 7.27
CA GLN A 579 10.50 -18.81 7.57
C GLN A 579 11.58 -18.69 8.63
N ARG A 580 12.42 -17.64 8.60
CA ARG A 580 13.53 -17.53 9.55
C ARG A 580 13.08 -17.51 11.00
N SER A 581 11.82 -17.10 11.24
CA SER A 581 11.20 -17.00 12.55
C SER A 581 10.42 -18.27 12.93
N GLY A 582 10.41 -19.29 12.07
CA GLY A 582 9.60 -20.48 12.30
C GLY A 582 8.12 -20.23 12.04
N GLY A 583 7.81 -19.35 11.10
CA GLY A 583 6.44 -19.03 10.73
C GLY A 583 5.65 -18.17 11.70
N ILE A 584 6.32 -17.50 12.65
CA ILE A 584 5.65 -16.68 13.66
C ILE A 584 5.57 -15.19 13.31
N GLU A 585 6.67 -14.60 12.84
CA GLU A 585 6.77 -13.16 12.57
C GLU A 585 6.26 -12.75 11.21
N ARG A 586 5.53 -11.62 11.17
CA ARG A 586 5.03 -11.08 9.91
C ARG A 586 6.19 -10.40 9.23
N PRO A 587 6.25 -10.53 7.92
CA PRO A 587 7.34 -9.89 7.19
C PRO A 587 7.14 -8.38 7.02
N PHE A 588 8.17 -7.73 6.59
CA PHE A 588 8.15 -6.36 6.09
C PHE A 588 9.13 -6.33 4.95
N VAL A 589 8.60 -6.18 3.75
CA VAL A 589 9.40 -6.07 2.54
C VAL A 589 8.82 -4.96 1.70
N LEU A 590 9.68 -4.03 1.31
CA LEU A 590 9.35 -2.97 0.36
C LEU A 590 9.91 -3.45 -0.98
N SER A 591 9.09 -3.36 -2.03
CA SER A 591 9.44 -3.73 -3.39
C SER A 591 9.25 -2.58 -4.37
N ARG A 592 10.16 -2.43 -5.35
CA ARG A 592 9.99 -1.42 -6.37
C ARG A 592 9.07 -1.91 -7.51
N ALA A 593 9.36 -3.12 -8.03
CA ALA A 593 8.57 -3.70 -9.10
C ALA A 593 7.41 -4.49 -8.49
N PHE A 594 6.32 -4.57 -9.23
CA PHE A 594 5.12 -5.27 -8.77
C PHE A 594 4.21 -5.62 -9.90
N PHE A 595 3.19 -6.42 -9.55
CA PHE A 595 2.14 -6.90 -10.43
C PHE A 595 0.86 -7.15 -9.61
N SER A 596 -0.23 -7.55 -10.27
CA SER A 596 -1.44 -8.05 -9.60
C SER A 596 -0.99 -9.13 -8.60
N GLY A 597 -1.50 -9.05 -7.37
CA GLY A 597 -1.12 -9.97 -6.30
C GLY A 597 0.02 -9.50 -5.40
N SER A 598 0.80 -8.46 -5.81
CA SER A 598 1.91 -7.94 -4.99
C SER A 598 1.47 -7.43 -3.62
N GLN A 599 0.21 -7.01 -3.48
CA GLN A 599 -0.32 -6.59 -2.18
C GLN A 599 -0.18 -7.66 -1.09
N ARG A 600 -0.08 -8.95 -1.47
CA ARG A 600 0.07 -10.06 -0.53
C ARG A 600 1.46 -10.14 0.13
N PHE A 601 2.49 -9.41 -0.41
CA PHE A 601 3.87 -9.51 0.06
C PHE A 601 4.45 -8.29 0.80
N GLY A 602 3.70 -7.19 0.91
CA GLY A 602 4.18 -6.03 1.64
C GLY A 602 3.89 -4.69 1.02
N ALA A 603 4.91 -3.82 1.01
CA ALA A 603 4.82 -2.44 0.52
C ALA A 603 5.48 -2.23 -0.85
N VAL A 604 5.05 -1.16 -1.52
CA VAL A 604 5.66 -0.62 -2.75
C VAL A 604 5.85 0.89 -2.57
N TRP A 605 6.72 1.48 -3.36
CA TRP A 605 6.91 2.93 -3.42
C TRP A 605 7.10 3.35 -4.87
N THR A 606 6.89 4.65 -5.15
CA THR A 606 6.91 5.17 -6.52
C THR A 606 8.30 5.44 -7.11
N GLY A 607 9.34 4.82 -6.57
CA GLY A 607 10.67 4.93 -7.12
C GLY A 607 11.35 6.28 -7.04
N ASP A 608 12.20 6.53 -8.05
CA ASP A 608 13.06 7.72 -8.07
C ASP A 608 12.35 8.97 -8.53
N ASN A 609 11.64 9.57 -7.58
CA ASN A 609 10.95 10.82 -7.77
C ASN A 609 12.00 11.95 -7.60
N THR A 610 11.56 13.19 -7.70
CA THR A 610 12.40 14.39 -7.65
C THR A 610 11.91 15.37 -6.63
N ALA A 611 12.86 16.06 -5.97
CA ALA A 611 12.63 17.10 -4.97
C ALA A 611 12.03 18.37 -5.60
N GLU A 612 10.79 18.26 -6.07
CA GLU A 612 10.06 19.31 -6.74
C GLU A 612 8.59 19.25 -6.31
N TRP A 613 7.94 20.43 -6.26
CA TRP A 613 6.52 20.56 -5.85
C TRP A 613 5.53 19.71 -6.65
N ASP A 614 5.74 19.58 -7.97
CA ASP A 614 4.80 18.78 -8.79
CA ASP A 614 4.86 18.79 -8.85
C ASP A 614 4.97 17.28 -8.52
N HIS A 615 6.13 16.84 -8.04
CA HIS A 615 6.36 15.44 -7.67
C HIS A 615 5.71 15.20 -6.31
N LEU A 616 5.71 16.22 -5.41
CA LEU A 616 4.97 16.12 -4.14
C LEU A 616 3.49 15.95 -4.47
N LYS A 617 2.96 16.73 -5.43
CA LYS A 617 1.55 16.68 -5.82
C LYS A 617 1.19 15.32 -6.48
N ILE A 618 2.07 14.76 -7.31
CA ILE A 618 1.73 13.53 -8.05
C ILE A 618 1.71 12.27 -7.13
N SER A 619 2.26 12.36 -5.91
CA SER A 619 2.22 11.25 -4.96
C SER A 619 0.77 10.82 -4.63
N ILE A 620 -0.18 11.77 -4.62
CA ILE A 620 -1.58 11.42 -4.36
C ILE A 620 -2.17 10.56 -5.52
N PRO A 621 -2.31 11.07 -6.76
CA PRO A 621 -2.85 10.21 -7.83
C PRO A 621 -2.09 8.89 -8.03
N MET A 622 -0.76 8.89 -7.88
CA MET A 622 -0.01 7.66 -8.01
C MET A 622 -0.38 6.64 -6.92
N CYS A 623 -0.43 7.02 -5.65
CA CYS A 623 -0.79 6.04 -4.62
C CYS A 623 -2.25 5.72 -4.64
N LEU A 624 -3.11 6.64 -5.12
CA LEU A 624 -4.52 6.35 -5.28
C LEU A 624 -4.77 5.35 -6.41
N SER A 625 -4.02 5.44 -7.52
CA SER A 625 -4.17 4.52 -8.64
C SER A 625 -3.77 3.08 -8.15
N LEU A 626 -2.80 3.01 -7.23
CA LEU A 626 -2.36 1.76 -6.61
C LEU A 626 -3.39 1.22 -5.61
N ALA A 627 -3.98 2.10 -4.78
CA ALA A 627 -5.01 1.70 -3.83
C ALA A 627 -6.21 1.07 -4.53
N LEU A 628 -6.69 1.70 -5.63
CA LEU A 628 -7.84 1.19 -6.39
C LEU A 628 -7.66 -0.24 -6.91
N VAL A 629 -6.42 -0.65 -7.19
CA VAL A 629 -6.11 -1.96 -7.75
C VAL A 629 -5.48 -2.94 -6.71
N GLY A 630 -5.74 -2.69 -5.43
CA GLY A 630 -5.37 -3.54 -4.30
C GLY A 630 -4.07 -3.27 -3.58
N LEU A 631 -3.23 -2.35 -4.08
CA LEU A 631 -1.91 -2.07 -3.47
C LEU A 631 -2.06 -0.92 -2.49
N SER A 632 -2.54 -1.25 -1.29
CA SER A 632 -2.82 -0.27 -0.24
C SER A 632 -1.58 0.34 0.44
N PHE A 633 -0.46 -0.36 0.41
CA PHE A 633 0.73 0.05 1.14
C PHE A 633 1.72 0.69 0.20
N CYS A 634 1.38 1.93 -0.16
CA CYS A 634 2.07 2.74 -1.16
C CYS A 634 2.59 4.01 -0.49
N GLY A 635 3.64 4.56 -1.07
CA GLY A 635 4.16 5.85 -0.68
C GLY A 635 5.17 6.34 -1.68
N ALA A 636 5.64 7.55 -1.49
CA ALA A 636 6.68 8.19 -2.30
C ALA A 636 7.79 8.72 -1.36
N ASP A 637 9.03 8.80 -1.87
CA ASP A 637 10.15 9.29 -1.05
C ASP A 637 9.91 10.71 -0.54
N VAL A 638 9.91 10.83 0.78
CA VAL A 638 9.63 12.09 1.43
C VAL A 638 10.83 12.99 1.26
N GLY A 639 10.60 14.11 0.58
CA GLY A 639 11.62 15.09 0.22
C GLY A 639 12.01 15.00 -1.24
N GLY A 640 11.65 13.89 -1.87
CA GLY A 640 11.98 13.59 -3.25
C GLY A 640 13.33 12.89 -3.26
N PHE A 641 13.53 11.94 -4.15
CA PHE A 641 14.79 11.20 -4.21
C PHE A 641 15.93 12.05 -4.81
N PHE A 642 15.71 12.59 -6.01
CA PHE A 642 16.72 13.39 -6.71
C PHE A 642 16.68 14.84 -6.23
N LYS A 643 17.87 15.44 -6.11
CA LYS A 643 18.08 16.86 -5.80
C LYS A 643 17.80 17.22 -4.32
N ASN A 644 18.00 18.50 -4.00
CA ASN A 644 17.91 19.03 -2.65
C ASN A 644 16.65 19.84 -2.49
N PRO A 645 15.70 19.36 -1.67
CA PRO A 645 14.46 20.12 -1.48
C PRO A 645 14.70 21.35 -0.62
N GLU A 646 14.10 22.48 -0.99
CA GLU A 646 14.17 23.68 -0.14
C GLU A 646 13.42 23.30 1.19
N PRO A 647 13.77 23.92 2.34
CA PRO A 647 13.15 23.49 3.62
C PRO A 647 11.63 23.49 3.67
N GLU A 648 10.99 24.45 2.99
CA GLU A 648 9.52 24.50 2.97
C GLU A 648 8.95 23.27 2.22
N LEU A 649 9.57 22.86 1.11
CA LEU A 649 9.11 21.68 0.39
C LEU A 649 9.27 20.43 1.28
N LEU A 650 10.41 20.31 1.99
CA LEU A 650 10.66 19.18 2.87
C LEU A 650 9.60 19.09 3.98
N VAL A 651 9.21 20.23 4.60
CA VAL A 651 8.14 20.27 5.60
C VAL A 651 6.84 19.77 4.98
N ARG A 652 6.44 20.36 3.86
CA ARG A 652 5.20 19.96 3.18
C ARG A 652 5.20 18.47 2.76
N TRP A 653 6.37 17.94 2.39
CA TRP A 653 6.47 16.54 2.03
C TRP A 653 6.30 15.65 3.27
N TYR A 654 6.88 16.04 4.41
CA TYR A 654 6.68 15.32 5.67
C TYR A 654 5.20 15.28 6.03
N GLN A 655 4.46 16.40 5.78
CA GLN A 655 3.04 16.51 6.12
C GLN A 655 2.21 15.63 5.17
N MET A 656 2.54 15.61 3.88
CA MET A 656 1.89 14.73 2.89
C MET A 656 2.19 13.25 3.25
N GLY A 657 3.48 12.93 3.43
CA GLY A 657 3.93 11.59 3.76
C GLY A 657 3.33 11.04 5.04
N ALA A 658 3.17 11.94 6.06
CA ALA A 658 2.58 11.56 7.34
C ALA A 658 1.13 11.04 7.23
N TYR A 659 0.43 11.40 6.15
CA TYR A 659 -0.94 10.94 5.85
C TYR A 659 -1.02 9.99 4.64
N GLN A 660 0.10 9.33 4.30
CA GLN A 660 0.15 8.34 3.23
C GLN A 660 0.60 6.97 3.80
N PRO A 661 0.17 5.83 3.22
CA PRO A 661 0.41 4.53 3.88
C PRO A 661 1.85 4.15 4.19
N PHE A 662 2.76 4.25 3.23
CA PHE A 662 4.19 3.97 3.44
C PHE A 662 4.92 5.30 3.59
N PHE A 663 5.47 5.57 4.78
CA PHE A 663 6.04 6.86 5.18
C PHE A 663 7.54 6.81 5.39
N ARG A 664 8.29 7.09 4.31
CA ARG A 664 9.76 7.05 4.31
C ARG A 664 10.41 8.28 3.64
N ALA A 665 11.37 8.86 4.33
CA ALA A 665 12.26 9.90 3.81
C ALA A 665 13.41 9.16 3.17
N HIS A 666 13.71 9.46 1.91
CA HIS A 666 14.81 8.83 1.18
C HIS A 666 15.41 9.88 0.24
N ALA A 667 16.69 9.71 -0.09
CA ALA A 667 17.44 10.69 -0.87
C ALA A 667 18.58 10.01 -1.64
N HIS A 668 18.88 10.55 -2.81
CA HIS A 668 19.95 10.07 -3.70
C HIS A 668 21.37 10.35 -3.12
N LEU A 669 22.37 9.61 -3.62
CA LEU A 669 23.77 9.66 -3.25
C LEU A 669 24.39 11.07 -3.25
N ASP A 670 24.06 11.90 -4.25
CA ASP A 670 24.62 13.24 -4.42
C ASP A 670 23.94 14.34 -3.57
N THR A 671 22.91 14.04 -2.76
CA THR A 671 22.16 15.06 -2.01
C THR A 671 22.82 15.41 -0.71
N GLY A 672 22.51 16.60 -0.22
CA GLY A 672 22.89 17.04 1.11
C GLY A 672 22.08 16.26 2.15
N ARG A 673 22.65 16.13 3.35
CA ARG A 673 21.95 15.41 4.44
C ARG A 673 20.66 16.11 4.79
N ARG A 674 19.58 15.35 5.00
CA ARG A 674 18.31 16.02 5.35
C ARG A 674 17.58 15.37 6.51
N GLU A 675 18.36 14.85 7.50
CA GLU A 675 17.70 14.34 8.72
C GLU A 675 16.95 15.56 9.27
N PRO A 676 15.73 15.37 9.79
CA PRO A 676 14.87 16.53 10.05
C PRO A 676 15.36 17.56 11.08
N TRP A 677 16.24 17.17 12.01
CA TRP A 677 16.85 18.09 12.98
C TRP A 677 17.96 18.99 12.42
N LEU A 678 18.37 18.80 11.15
CA LEU A 678 19.39 19.66 10.54
C LEU A 678 18.87 21.02 10.08
N LEU A 679 17.55 21.20 10.03
CA LEU A 679 16.90 22.42 9.57
C LEU A 679 16.73 23.41 10.71
N ALA A 680 16.37 24.66 10.36
CA ALA A 680 16.08 25.72 11.35
C ALA A 680 14.87 25.27 12.20
N SER A 681 14.85 25.70 13.47
CA SER A 681 13.85 25.33 14.47
C SER A 681 12.40 25.42 14.00
N GLN A 682 12.03 26.40 13.16
CA GLN A 682 10.63 26.54 12.70
C GLN A 682 10.24 25.29 11.85
N TYR A 683 11.16 24.82 11.01
CA TYR A 683 10.91 23.66 10.14
C TYR A 683 10.90 22.39 10.94
N GLN A 684 11.86 22.23 11.88
CA GLN A 684 11.89 21.08 12.79
C GLN A 684 10.57 20.95 13.52
N ASP A 685 10.04 22.08 14.00
CA ASP A 685 8.80 22.09 14.76
C ASP A 685 7.61 21.63 13.93
N ALA A 686 7.50 22.09 12.68
CA ALA A 686 6.47 21.65 11.75
C ALA A 686 6.62 20.12 11.47
N ILE A 687 7.87 19.63 11.29
CA ILE A 687 8.11 18.22 11.01
C ILE A 687 7.76 17.38 12.21
N ARG A 688 8.18 17.81 13.42
CA ARG A 688 7.86 17.06 14.66
C ARG A 688 6.34 16.90 14.81
N ASP A 689 5.60 17.98 14.50
CA ASP A 689 4.15 18.01 14.54
C ASP A 689 3.53 16.96 13.58
N ALA A 690 4.03 16.90 12.34
CA ALA A 690 3.57 15.90 11.36
C ALA A 690 3.82 14.49 11.89
N LEU A 691 5.04 14.25 12.41
CA LEU A 691 5.45 12.98 13.02
C LEU A 691 4.54 12.61 14.19
N PHE A 692 4.28 13.56 15.10
CA PHE A 692 3.38 13.31 16.25
C PHE A 692 1.98 12.94 15.80
N GLN A 693 1.48 13.63 14.76
CA GLN A 693 0.15 13.35 14.20
C GLN A 693 0.03 11.92 13.64
N ARG A 694 1.03 11.48 12.89
CA ARG A 694 1.09 10.12 12.36
C ARG A 694 1.14 9.10 13.48
N TYR A 695 2.04 9.29 14.46
CA TYR A 695 2.22 8.33 15.55
C TYR A 695 0.92 8.19 16.38
N SER A 696 0.27 9.32 16.70
CA SER A 696 -1.01 9.28 17.43
C SER A 696 -2.12 8.54 16.70
N LEU A 697 -2.09 8.57 15.37
CA LEU A 697 -3.06 7.86 14.53
C LEU A 697 -2.70 6.43 14.24
N LEU A 698 -1.60 5.87 14.78
CA LEU A 698 -1.26 4.48 14.48
C LEU A 698 -2.41 3.47 14.73
N PRO A 699 -3.24 3.55 15.80
CA PRO A 699 -4.37 2.59 15.94
C PRO A 699 -5.37 2.66 14.78
N PHE A 700 -5.61 3.86 14.23
CA PHE A 700 -6.49 4.09 13.11
C PHE A 700 -5.91 3.48 11.82
N TRP A 701 -4.66 3.81 11.51
CA TRP A 701 -3.93 3.25 10.37
C TRP A 701 -3.96 1.73 10.41
N TYR A 702 -3.72 1.15 11.60
CA TYR A 702 -3.65 -0.30 11.83
C TYR A 702 -5.01 -0.96 11.58
N THR A 703 -6.08 -0.31 12.05
CA THR A 703 -7.44 -0.78 11.79
C THR A 703 -7.79 -0.70 10.30
N LEU A 704 -7.38 0.37 9.58
CA LEU A 704 -7.69 0.45 8.14
C LEU A 704 -7.00 -0.69 7.41
N PHE A 705 -5.75 -0.96 7.78
CA PHE A 705 -4.96 -2.04 7.18
C PHE A 705 -5.55 -3.40 7.51
N TYR A 706 -6.10 -3.57 8.72
CA TYR A 706 -6.79 -4.81 9.07
C TYR A 706 -8.02 -4.97 8.15
N GLN A 707 -8.78 -3.90 7.93
CA GLN A 707 -9.93 -3.95 6.99
C GLN A 707 -9.49 -4.23 5.55
N ALA A 708 -8.36 -3.68 5.11
CA ALA A 708 -7.80 -4.01 3.79
C ALA A 708 -7.45 -5.50 3.74
N HIS A 709 -6.84 -6.01 4.82
CA HIS A 709 -6.43 -7.40 4.93
C HIS A 709 -7.64 -8.35 4.92
N LYS A 710 -8.70 -7.99 5.60
CA LYS A 710 -9.90 -8.83 5.69
C LYS A 710 -10.86 -8.71 4.52
N GLU A 711 -11.07 -7.49 3.99
CA GLU A 711 -12.07 -7.21 2.93
C GLU A 711 -11.54 -6.89 1.55
N GLY A 712 -10.30 -6.43 1.47
CA GLY A 712 -9.72 -5.97 0.22
C GLY A 712 -10.08 -4.54 -0.07
N PHE A 713 -10.52 -3.75 0.94
CA PHE A 713 -10.87 -2.34 0.76
C PHE A 713 -9.62 -1.46 0.87
N PRO A 714 -9.48 -0.46 -0.01
CA PRO A 714 -8.30 0.42 0.06
C PRO A 714 -8.22 1.24 1.32
N VAL A 715 -7.00 1.50 1.80
CA VAL A 715 -6.74 2.31 2.99
C VAL A 715 -6.91 3.78 2.59
N MET A 716 -6.11 4.20 1.63
CA MET A 716 -6.15 5.54 1.08
C MET A 716 -7.16 5.50 -0.09
N ARG A 717 -8.14 6.41 -0.08
CA ARG A 717 -9.23 6.41 -1.06
C ARG A 717 -9.47 7.72 -1.77
N PRO A 718 -9.79 7.64 -3.08
CA PRO A 718 -10.28 8.84 -3.78
C PRO A 718 -11.66 9.24 -3.19
N LEU A 719 -12.01 10.52 -3.21
CA LEU A 719 -13.31 11.00 -2.67
C LEU A 719 -14.53 10.31 -3.37
N TRP A 720 -14.42 9.98 -4.68
CA TRP A 720 -15.50 9.32 -5.42
C TRP A 720 -15.84 7.92 -4.88
N VAL A 721 -14.87 7.24 -4.20
CA VAL A 721 -15.13 5.94 -3.57
C VAL A 721 -16.16 6.12 -2.42
N GLN A 722 -16.04 7.19 -1.63
CA GLN A 722 -16.96 7.51 -0.54
CA GLN A 722 -16.97 7.51 -0.52
C GLN A 722 -18.21 8.29 -1.02
N TYR A 723 -18.11 9.03 -2.17
CA TYR A 723 -19.21 9.84 -2.71
C TYR A 723 -19.46 9.47 -4.18
N PRO A 724 -19.98 8.25 -4.45
CA PRO A 724 -20.13 7.77 -5.84
C PRO A 724 -21.12 8.55 -6.71
N GLU A 725 -22.10 9.22 -6.10
CA GLU A 725 -23.06 10.02 -6.86
C GLU A 725 -22.63 11.48 -7.01
N ASP A 726 -21.56 11.92 -6.34
CA ASP A 726 -21.10 13.31 -6.46
C ASP A 726 -20.15 13.37 -7.64
N MET A 727 -20.68 13.78 -8.82
CA MET A 727 -19.89 13.90 -10.06
C MET A 727 -18.74 14.90 -9.95
N SER A 728 -18.80 15.89 -9.04
CA SER A 728 -17.68 16.82 -8.88
C SER A 728 -16.43 16.19 -8.21
N THR A 729 -16.53 14.96 -7.60
CA THR A 729 -15.41 14.27 -6.98
C THR A 729 -14.64 13.31 -7.93
N PHE A 730 -15.20 12.99 -9.10
CA PHE A 730 -14.68 11.93 -9.98
C PHE A 730 -13.24 12.07 -10.42
N SER A 731 -12.68 13.29 -10.51
CA SER A 731 -11.28 13.50 -10.93
C SER A 731 -10.39 14.12 -9.84
N ILE A 732 -10.92 14.33 -8.64
CA ILE A 732 -10.17 14.98 -7.54
C ILE A 732 -8.95 14.16 -7.18
N GLU A 733 -7.78 14.79 -7.23
CA GLU A 733 -6.51 14.15 -6.87
C GLU A 733 -5.60 15.05 -6.01
N ASP A 734 -6.10 16.16 -5.48
CA ASP A 734 -5.32 17.05 -4.58
C ASP A 734 -5.82 16.87 -3.15
N GLN A 735 -6.66 15.84 -2.98
CA GLN A 735 -7.34 15.54 -1.74
C GLN A 735 -7.63 14.05 -1.72
N PHE A 736 -7.75 13.47 -0.54
CA PHE A 736 -8.07 12.04 -0.44
C PHE A 736 -8.60 11.74 0.96
N MET A 737 -9.17 10.54 1.08
CA MET A 737 -9.66 10.05 2.35
C MET A 737 -8.90 8.86 2.87
N LEU A 738 -8.88 8.72 4.21
CA LEU A 738 -8.31 7.55 4.88
C LEU A 738 -9.55 6.85 5.46
N GLY A 739 -9.92 5.71 4.90
CA GLY A 739 -11.16 5.02 5.25
C GLY A 739 -12.36 5.90 4.91
N ASP A 740 -13.36 5.88 5.79
CA ASP A 740 -14.55 6.74 5.71
C ASP A 740 -14.47 7.93 6.70
N ALA A 741 -13.36 8.09 7.44
CA ALA A 741 -13.30 9.05 8.56
C ALA A 741 -12.48 10.30 8.40
N LEU A 742 -11.32 10.28 7.76
CA LEU A 742 -10.50 11.49 7.63
C LEU A 742 -10.40 11.91 6.15
N LEU A 743 -10.55 13.22 5.90
CA LEU A 743 -10.38 13.85 4.59
C LEU A 743 -9.14 14.71 4.75
N ILE A 744 -8.15 14.51 3.88
CA ILE A 744 -6.86 15.16 3.93
C ILE A 744 -6.67 16.01 2.67
N HIS A 745 -6.28 17.30 2.84
CA HIS A 745 -5.92 18.18 1.71
C HIS A 745 -4.54 18.76 2.03
N PRO A 746 -3.44 18.00 1.86
CA PRO A 746 -2.11 18.56 2.20
C PRO A 746 -1.74 19.78 1.37
N VAL A 747 -1.02 20.72 1.99
CA VAL A 747 -0.56 21.92 1.28
C VAL A 747 0.51 21.44 0.32
N SER A 748 0.38 21.79 -0.98
CA SER A 748 1.33 21.32 -2.01
C SER A 748 1.85 22.43 -2.95
N ASP A 749 1.93 23.68 -2.45
CA ASP A 749 2.46 24.81 -3.22
C ASP A 749 3.31 25.68 -2.30
N ALA A 750 4.45 26.16 -2.82
CA ALA A 750 5.33 27.05 -2.07
C ALA A 750 4.58 28.36 -1.82
N GLY A 751 4.67 28.91 -0.60
CA GLY A 751 4.09 30.22 -0.29
C GLY A 751 2.57 30.23 -0.14
N ALA A 752 1.93 29.05 -0.04
CA ALA A 752 0.48 28.99 0.09
C ALA A 752 0.07 29.52 1.45
N HIS A 753 -0.95 30.38 1.48
CA HIS A 753 -1.50 30.93 2.70
C HIS A 753 -2.91 30.38 2.97
N GLY A 754 -3.40 29.55 2.05
CA GLY A 754 -4.64 28.83 2.26
C GLY A 754 -4.81 27.73 1.23
N VAL A 755 -5.81 26.88 1.42
CA VAL A 755 -6.13 25.81 0.48
C VAL A 755 -7.65 25.77 0.24
N GLN A 756 -8.05 25.38 -0.96
CA GLN A 756 -9.45 25.22 -1.29
C GLN A 756 -9.75 23.75 -1.01
N VAL A 757 -10.53 23.48 0.06
CA VAL A 757 -10.89 22.14 0.46
C VAL A 757 -12.32 21.82 0.07
N TYR A 758 -12.54 20.78 -0.74
CA TYR A 758 -13.91 20.36 -1.05
C TYR A 758 -14.36 19.32 -0.01
N LEU A 759 -15.45 19.66 0.72
CA LEU A 759 -16.05 18.84 1.75
C LEU A 759 -17.38 18.35 1.20
N PRO A 760 -17.43 17.11 0.72
CA PRO A 760 -18.68 16.60 0.11
C PRO A 760 -19.70 16.11 1.12
N GLY A 761 -20.85 15.68 0.58
CA GLY A 761 -21.91 15.07 1.37
C GLY A 761 -23.05 15.99 1.74
N GLN A 762 -24.22 15.81 1.09
CA GLN A 762 -25.46 16.50 1.44
C GLN A 762 -25.81 15.95 2.82
N GLU A 763 -26.26 16.76 3.75
CA GLU A 763 -26.57 16.27 5.12
C GLU A 763 -25.34 15.61 5.83
N GLU A 764 -24.13 16.11 5.54
CA GLU A 764 -22.89 15.60 6.13
C GLU A 764 -22.18 16.78 6.82
N VAL A 765 -21.50 16.52 7.92
CA VAL A 765 -20.69 17.52 8.63
C VAL A 765 -19.28 17.02 8.75
N TRP A 766 -18.36 17.97 8.80
CA TRP A 766 -16.93 17.73 8.89
C TRP A 766 -16.36 18.58 9.99
N TYR A 767 -15.47 18.02 10.79
CA TYR A 767 -14.79 18.77 11.85
C TYR A 767 -13.35 18.97 11.52
N ASP A 768 -12.88 20.23 11.52
CA ASP A 768 -11.47 20.56 11.40
C ASP A 768 -10.83 19.94 12.67
N ILE A 769 -9.93 18.95 12.52
CA ILE A 769 -9.38 18.23 13.67
C ILE A 769 -8.51 19.11 14.62
N GLN A 770 -8.00 20.25 14.17
CA GLN A 770 -7.21 21.11 15.05
C GLN A 770 -8.07 22.08 15.83
N SER A 771 -8.97 22.78 15.15
CA SER A 771 -9.84 23.80 15.73
C SER A 771 -11.17 23.31 16.27
N TYR A 772 -11.66 22.16 15.76
CA TYR A 772 -12.96 21.59 16.11
C TYR A 772 -14.11 22.36 15.46
N GLN A 773 -13.82 23.30 14.51
CA GLN A 773 -14.84 24.04 13.80
C GLN A 773 -15.59 23.05 12.92
N LYS A 774 -16.92 23.11 12.99
CA LYS A 774 -17.79 22.24 12.20
C LYS A 774 -18.12 22.91 10.87
N HIS A 775 -18.07 22.13 9.78
CA HIS A 775 -18.41 22.60 8.44
C HIS A 775 -19.40 21.64 7.80
N HIS A 776 -20.49 22.17 7.22
CA HIS A 776 -21.52 21.35 6.56
CA HIS A 776 -21.50 21.34 6.59
C HIS A 776 -21.17 21.14 5.10
N GLY A 777 -21.39 19.95 4.61
CA GLY A 777 -21.18 19.62 3.21
C GLY A 777 -22.48 19.86 2.48
N PRO A 778 -22.49 19.90 1.14
CA PRO A 778 -21.33 19.92 0.26
C PRO A 778 -20.85 21.36 0.12
N GLN A 779 -19.54 21.61 0.23
CA GLN A 779 -19.00 22.95 0.04
C GLN A 779 -17.52 22.94 -0.27
N THR A 780 -17.04 24.04 -0.90
CA THR A 780 -15.62 24.31 -1.10
C THR A 780 -15.31 25.40 -0.07
N LEU A 781 -14.49 25.05 0.91
CA LEU A 781 -14.06 25.96 2.00
C LEU A 781 -12.63 26.48 1.67
N TYR A 782 -12.36 27.80 1.79
CA TYR A 782 -11.01 28.30 1.64
C TYR A 782 -10.44 28.38 3.03
N LEU A 783 -9.49 27.51 3.35
CA LEU A 783 -8.97 27.39 4.69
C LEU A 783 -7.60 28.02 4.83
N PRO A 784 -7.38 28.89 5.84
CA PRO A 784 -6.04 29.47 6.03
C PRO A 784 -5.03 28.45 6.56
N VAL A 785 -3.80 28.55 6.11
CA VAL A 785 -2.71 27.67 6.53
C VAL A 785 -1.44 28.45 6.83
N THR A 786 -0.67 27.89 7.74
CA THR A 786 0.69 28.28 8.11
C THR A 786 1.60 27.08 7.77
N LEU A 787 2.91 27.23 8.05
CA LEU A 787 3.93 26.19 7.81
C LEU A 787 3.61 24.86 8.50
N SER A 788 3.07 24.92 9.72
CA SER A 788 2.75 23.75 10.52
C SER A 788 1.40 23.14 10.22
N SER A 789 0.58 23.74 9.34
CA SER A 789 -0.77 23.25 9.06
C SER A 789 -0.81 22.02 8.17
N ILE A 790 -1.69 21.09 8.53
CA ILE A 790 -2.04 19.93 7.70
C ILE A 790 -3.57 19.91 7.67
N PRO A 791 -4.19 20.38 6.57
CA PRO A 791 -5.68 20.42 6.52
C PRO A 791 -6.28 19.00 6.55
N VAL A 792 -6.84 18.64 7.73
CA VAL A 792 -7.44 17.32 8.01
C VAL A 792 -8.78 17.55 8.66
N PHE A 793 -9.77 16.84 8.16
CA PHE A 793 -11.14 16.94 8.65
C PHE A 793 -11.65 15.56 9.04
N GLN A 794 -12.32 15.46 10.18
CA GLN A 794 -12.94 14.19 10.58
C GLN A 794 -14.41 14.25 10.19
N ARG A 795 -14.91 13.20 9.53
CA ARG A 795 -16.30 13.13 9.12
C ARG A 795 -17.22 12.86 10.31
N GLY A 796 -18.34 13.59 10.39
CA GLY A 796 -19.38 13.33 11.36
C GLY A 796 -19.92 11.93 11.08
N GLY A 797 -20.17 11.17 12.13
CA GLY A 797 -20.61 9.79 12.00
C GLY A 797 -19.48 8.82 12.27
N THR A 798 -18.26 9.31 12.62
CA THR A 798 -17.11 8.41 12.81
C THR A 798 -16.43 8.54 14.15
N ILE A 799 -15.74 7.45 14.55
CA ILE A 799 -14.98 7.38 15.79
C ILE A 799 -13.56 6.95 15.40
N VAL A 800 -12.58 7.77 15.73
CA VAL A 800 -11.18 7.54 15.39
C VAL A 800 -10.36 7.29 16.67
N PRO A 801 -9.68 6.14 16.78
CA PRO A 801 -8.86 5.85 17.96
C PRO A 801 -7.41 6.35 17.80
N ARG A 802 -6.87 6.94 18.85
CA ARG A 802 -5.53 7.50 18.86
C ARG A 802 -4.75 7.13 20.10
N TRP A 803 -3.41 7.08 19.93
CA TRP A 803 -2.48 6.94 21.04
C TRP A 803 -1.95 8.36 21.26
N MET A 804 -2.48 9.08 22.25
CA MET A 804 -2.05 10.47 22.48
C MET A 804 -0.70 10.61 23.17
N ARG A 805 -0.12 9.52 23.69
CA ARG A 805 1.17 9.53 24.34
C ARG A 805 2.21 9.15 23.30
N VAL A 806 2.68 10.13 22.54
CA VAL A 806 3.64 9.92 21.48
C VAL A 806 5.02 9.64 22.08
N ARG A 807 5.56 8.46 21.81
CA ARG A 807 6.88 8.05 22.30
C ARG A 807 7.84 7.94 21.12
N ARG A 808 9.05 7.41 21.32
CA ARG A 808 10.08 7.40 20.28
C ARG A 808 9.89 6.42 19.11
N SER A 809 9.08 5.37 19.30
CA SER A 809 8.82 4.34 18.31
C SER A 809 7.49 3.68 18.63
N SER A 810 6.91 3.00 17.63
CA SER A 810 5.63 2.32 17.82
C SER A 810 5.71 1.15 18.82
N ASP A 811 6.87 0.44 18.95
CA ASP A 811 6.94 -0.62 19.98
C ASP A 811 6.74 -0.05 21.38
N CYS A 812 7.23 1.18 21.62
CA CYS A 812 7.10 1.86 22.91
C CYS A 812 5.63 2.16 23.25
N MET A 813 4.80 2.43 22.21
CA MET A 813 3.40 2.84 22.33
C MET A 813 2.35 1.72 22.19
N LYS A 814 2.74 0.54 21.70
CA LYS A 814 1.75 -0.48 21.33
C LYS A 814 0.98 -1.14 22.51
N ASP A 815 1.33 -0.85 23.77
CA ASP A 815 0.57 -1.31 24.95
C ASP A 815 -0.06 -0.13 25.69
N ASP A 816 -0.08 1.08 25.11
CA ASP A 816 -0.60 2.27 25.74
C ASP A 816 -2.10 2.46 25.63
N PRO A 817 -2.65 3.31 26.51
CA PRO A 817 -4.08 3.58 26.46
C PRO A 817 -4.52 4.44 25.27
N ILE A 818 -5.79 4.27 24.92
CA ILE A 818 -6.44 4.87 23.77
C ILE A 818 -7.32 6.06 24.12
N THR A 819 -7.35 7.03 23.23
CA THR A 819 -8.27 8.15 23.24
C THR A 819 -9.19 7.97 22.02
N LEU A 820 -10.50 7.96 22.25
CA LEU A 820 -11.48 7.87 21.17
C LEU A 820 -11.99 9.29 20.80
N PHE A 821 -11.91 9.62 19.52
CA PHE A 821 -12.38 10.88 18.98
C PHE A 821 -13.71 10.61 18.26
N VAL A 822 -14.81 11.02 18.92
CA VAL A 822 -16.18 10.80 18.46
C VAL A 822 -16.69 12.09 17.78
N ALA A 823 -16.81 12.05 16.45
CA ALA A 823 -17.32 13.14 15.62
C ALA A 823 -18.79 12.84 15.33
N LEU A 824 -19.71 13.61 15.93
CA LEU A 824 -21.15 13.36 15.77
C LEU A 824 -21.72 13.83 14.46
N SER A 825 -22.50 12.96 13.83
CA SER A 825 -23.22 13.30 12.60
C SER A 825 -24.36 14.27 12.98
N PRO A 826 -25.05 14.88 12.01
CA PRO A 826 -26.22 15.74 12.34
C PRO A 826 -27.34 14.99 13.06
N GLN A 827 -27.40 13.67 12.92
CA GLN A 827 -28.35 12.80 13.63
C GLN A 827 -27.84 12.43 15.05
N GLY A 828 -26.69 12.98 15.47
CA GLY A 828 -26.12 12.68 16.79
C GLY A 828 -25.59 11.28 16.90
N THR A 829 -25.03 10.73 15.81
CA THR A 829 -24.51 9.35 15.83
C THR A 829 -23.07 9.25 15.35
N ALA A 830 -22.45 8.10 15.64
CA ALA A 830 -21.09 7.79 15.20
C ALA A 830 -20.72 6.35 15.39
N GLN A 831 -19.82 5.84 14.55
CA GLN A 831 -19.27 4.50 14.69
C GLN A 831 -17.84 4.45 14.21
N GLY A 832 -17.14 3.45 14.67
CA GLY A 832 -15.77 3.21 14.27
C GLY A 832 -15.27 1.92 14.91
N GLU A 833 -14.28 1.30 14.27
CA GLU A 833 -13.69 0.07 14.76
C GLU A 833 -12.26 0.29 15.20
N LEU A 834 -11.72 -0.70 15.90
CA LEU A 834 -10.34 -0.67 16.33
C LEU A 834 -9.83 -2.09 16.32
N PHE A 835 -8.71 -2.32 15.63
CA PHE A 835 -8.04 -3.60 15.62
C PHE A 835 -6.75 -3.50 16.45
N LEU A 836 -6.51 -4.51 17.30
CA LEU A 836 -5.33 -4.61 18.16
C LEU A 836 -4.88 -6.06 18.26
N ASP A 837 -3.58 -6.26 18.28
CA ASP A 837 -2.94 -7.57 18.48
C ASP A 837 -1.55 -7.24 19.05
N ASP A 838 -0.61 -8.20 19.08
CA ASP A 838 0.74 -7.98 19.60
C ASP A 838 1.62 -6.99 18.75
N GLY A 839 1.16 -6.63 17.53
CA GLY A 839 1.83 -5.68 16.65
C GLY A 839 2.74 -6.30 15.62
N HIS A 840 2.97 -7.63 15.65
CA HIS A 840 3.97 -8.19 14.73
C HIS A 840 3.92 -9.68 14.38
N THR A 841 3.09 -10.54 15.03
CA THR A 841 3.10 -11.98 14.67
C THR A 841 1.85 -12.37 13.89
N PHE A 842 1.79 -13.66 13.52
CA PHE A 842 0.61 -14.26 12.92
C PHE A 842 -0.34 -14.82 13.98
N ASN A 843 -0.16 -14.50 15.30
CA ASN A 843 -1.03 -15.02 16.37
C ASN A 843 -2.48 -14.62 16.20
N TYR A 844 -2.73 -13.45 15.61
CA TYR A 844 -4.11 -13.06 15.31
C TYR A 844 -4.84 -14.12 14.44
N GLN A 845 -4.12 -14.80 13.49
CA GLN A 845 -4.75 -15.77 12.62
C GLN A 845 -4.57 -17.22 13.11
N THR A 846 -3.40 -17.57 13.65
CA THR A 846 -3.13 -18.96 14.10
C THR A 846 -3.75 -19.27 15.45
N ARG A 847 -3.91 -18.26 16.32
CA ARG A 847 -4.47 -18.43 17.66
C ARG A 847 -5.65 -17.53 17.95
N HIS A 848 -6.12 -16.72 16.96
CA HIS A 848 -7.21 -15.75 17.17
C HIS A 848 -6.91 -14.83 18.37
N GLU A 849 -5.64 -14.45 18.50
CA GLU A 849 -5.21 -13.53 19.53
C GLU A 849 -5.20 -12.10 18.99
N PHE A 850 -6.33 -11.44 19.10
CA PHE A 850 -6.49 -10.06 18.65
C PHE A 850 -7.79 -9.54 19.21
N LEU A 851 -8.04 -8.23 19.05
CA LEU A 851 -9.33 -7.64 19.39
C LEU A 851 -9.81 -6.85 18.19
N LEU A 852 -11.10 -6.95 17.90
CA LEU A 852 -11.75 -6.11 16.91
C LEU A 852 -12.94 -5.53 17.65
N ARG A 853 -12.83 -4.26 18.07
CA ARG A 853 -13.89 -3.57 18.81
C ARG A 853 -14.68 -2.68 17.90
N ARG A 854 -15.98 -2.52 18.20
CA ARG A 854 -16.83 -1.54 17.53
C ARG A 854 -17.28 -0.57 18.60
N PHE A 855 -16.98 0.71 18.37
CA PHE A 855 -17.43 1.80 19.19
C PHE A 855 -18.59 2.41 18.44
N SER A 856 -19.70 2.70 19.13
CA SER A 856 -20.85 3.26 18.49
C SER A 856 -21.56 4.21 19.43
N PHE A 857 -22.03 5.31 18.88
CA PHE A 857 -22.68 6.38 19.60
C PHE A 857 -24.03 6.67 18.95
N SER A 858 -25.05 6.80 19.79
CA SER A 858 -26.38 7.23 19.37
C SER A 858 -27.17 7.63 20.59
N GLY A 859 -28.04 8.62 20.42
CA GLY A 859 -28.85 9.15 21.51
C GLY A 859 -27.95 9.91 22.45
N SER A 860 -27.69 9.33 23.62
CA SER A 860 -26.76 9.92 24.58
C SER A 860 -25.80 8.84 25.13
N THR A 861 -25.57 7.73 24.36
CA THR A 861 -24.77 6.60 24.81
C THR A 861 -23.68 6.17 23.86
N LEU A 862 -22.48 6.01 24.42
CA LEU A 862 -21.30 5.51 23.70
C LEU A 862 -21.13 4.07 24.18
N VAL A 863 -21.07 3.13 23.24
CA VAL A 863 -20.95 1.71 23.54
C VAL A 863 -19.73 1.09 22.84
N SER A 864 -19.08 0.16 23.55
CA SER A 864 -18.00 -0.68 23.02
C SER A 864 -18.53 -2.11 23.08
N SER A 865 -18.43 -2.78 21.93
CA SER A 865 -18.88 -4.16 21.75
C SER A 865 -17.91 -4.87 20.83
N SER A 866 -17.99 -6.17 20.79
CA SER A 866 -17.10 -6.92 19.95
C SER A 866 -17.60 -6.94 18.49
N ALA A 867 -16.73 -6.63 17.54
CA ALA A 867 -17.00 -6.71 16.11
C ALA A 867 -16.60 -8.09 15.61
N ASP A 868 -15.83 -8.86 16.40
CA ASP A 868 -15.47 -10.22 16.07
C ASP A 868 -15.24 -11.01 17.38
N PRO A 869 -16.28 -11.72 17.90
CA PRO A 869 -16.10 -12.44 19.19
C PRO A 869 -15.04 -13.55 19.20
N LYS A 870 -14.54 -13.99 18.02
CA LYS A 870 -13.49 -15.00 17.91
C LYS A 870 -12.17 -14.48 18.49
N GLY A 871 -11.96 -13.17 18.39
CA GLY A 871 -10.74 -12.53 18.86
C GLY A 871 -10.68 -12.18 20.32
N HIS A 872 -9.67 -12.72 21.04
CA HIS A 872 -9.41 -12.39 22.44
C HIS A 872 -7.94 -12.00 22.55
N LEU A 873 -7.62 -11.05 23.41
CA LEU A 873 -6.23 -10.61 23.61
C LEU A 873 -6.03 -10.18 25.05
N GLU A 874 -5.00 -10.72 25.71
CA GLU A 874 -4.57 -10.28 27.03
C GLU A 874 -3.73 -9.03 26.73
N THR A 875 -4.16 -7.89 27.23
CA THR A 875 -3.53 -6.61 26.97
C THR A 875 -3.77 -5.63 28.11
N PRO A 876 -2.79 -4.75 28.42
CA PRO A 876 -3.04 -3.71 29.41
C PRO A 876 -3.69 -2.46 28.81
N ILE A 877 -4.01 -2.45 27.49
CA ILE A 877 -4.58 -1.28 26.84
C ILE A 877 -5.97 -0.96 27.47
N TRP A 878 -6.15 0.31 27.83
CA TRP A 878 -7.34 0.83 28.46
C TRP A 878 -7.76 2.14 27.76
N ILE A 879 -8.99 2.56 27.97
CA ILE A 879 -9.55 3.79 27.39
C ILE A 879 -9.26 4.90 28.39
N GLU A 880 -8.28 5.79 28.07
CA GLU A 880 -7.97 6.87 28.97
C GLU A 880 -8.78 8.13 28.76
N ARG A 881 -9.42 8.30 27.58
CA ARG A 881 -10.12 9.54 27.30
C ARG A 881 -11.08 9.40 26.13
N VAL A 882 -12.15 10.21 26.15
CA VAL A 882 -13.09 10.30 25.05
C VAL A 882 -13.25 11.78 24.73
N VAL A 883 -13.07 12.18 23.47
CA VAL A 883 -13.26 13.55 23.00
C VAL A 883 -14.48 13.49 22.05
N ILE A 884 -15.58 14.14 22.43
CA ILE A 884 -16.80 14.13 21.61
C ILE A 884 -17.02 15.51 20.96
N MET A 885 -17.03 15.56 19.63
CA MET A 885 -17.25 16.77 18.84
C MET A 885 -18.71 16.84 18.41
N GLY A 886 -19.36 17.96 18.70
CA GLY A 886 -20.77 18.19 18.40
C GLY A 886 -21.71 17.81 19.52
N ALA A 887 -21.24 17.82 20.77
CA ALA A 887 -22.08 17.43 21.91
C ALA A 887 -22.32 18.62 22.83
N GLY A 888 -23.52 18.63 23.42
CA GLY A 888 -23.86 19.63 24.42
C GLY A 888 -23.29 19.24 25.76
N LYS A 889 -23.36 20.15 26.73
CA LYS A 889 -22.85 19.86 28.07
C LYS A 889 -23.83 18.95 28.83
N PRO A 890 -23.39 17.74 29.25
CA PRO A 890 -24.29 16.90 30.04
C PRO A 890 -24.34 17.37 31.51
N ALA A 891 -25.24 16.82 32.29
CA ALA A 891 -25.30 17.04 33.75
C ALA A 891 -24.42 15.97 34.42
N ALA A 892 -24.39 14.77 33.85
CA ALA A 892 -23.60 13.70 34.45
C ALA A 892 -23.16 12.67 33.42
N VAL A 893 -22.05 12.01 33.71
CA VAL A 893 -21.45 11.02 32.81
C VAL A 893 -21.25 9.73 33.61
N VAL A 894 -21.91 8.68 33.17
CA VAL A 894 -21.95 7.41 33.85
C VAL A 894 -21.35 6.33 32.96
N LEU A 895 -20.41 5.56 33.50
CA LEU A 895 -19.77 4.45 32.80
C LEU A 895 -20.21 3.14 33.46
N GLN A 896 -20.64 2.17 32.66
CA GLN A 896 -21.01 0.84 33.10
C GLN A 896 -20.16 -0.21 32.39
N THR A 897 -19.70 -1.21 33.12
CA THR A 897 -18.92 -2.32 32.54
C THR A 897 -19.05 -3.53 33.49
N LYS A 898 -19.16 -4.73 32.93
CA LYS A 898 -19.34 -5.96 33.73
C LYS A 898 -18.19 -6.15 34.68
N GLY A 899 -18.51 -6.44 35.93
CA GLY A 899 -17.52 -6.70 36.97
C GLY A 899 -17.02 -5.48 37.73
N SER A 900 -17.61 -4.31 37.48
CA SER A 900 -17.24 -3.07 38.17
C SER A 900 -18.48 -2.36 38.64
N PRO A 901 -18.41 -1.58 39.74
CA PRO A 901 -19.57 -0.77 40.09
C PRO A 901 -19.72 0.32 39.04
N GLU A 902 -20.92 0.86 38.91
CA GLU A 902 -21.18 2.00 38.06
C GLU A 902 -20.21 3.18 38.44
N SER A 903 -19.61 3.82 37.43
CA SER A 903 -18.65 4.90 37.64
C SER A 903 -19.22 6.24 37.18
N ARG A 904 -18.83 7.33 37.85
CA ARG A 904 -19.17 8.68 37.42
C ARG A 904 -17.88 9.32 36.94
N LEU A 905 -17.88 9.85 35.70
CA LEU A 905 -16.68 10.50 35.15
C LEU A 905 -16.78 12.00 35.23
N SER A 906 -15.64 12.67 35.47
CA SER A 906 -15.60 14.11 35.39
C SER A 906 -15.47 14.44 33.89
N PHE A 907 -15.79 15.65 33.51
CA PHE A 907 -15.76 16.07 32.12
C PHE A 907 -15.51 17.54 32.03
N GLN A 908 -15.02 17.96 30.88
CA GLN A 908 -14.74 19.36 30.58
C GLN A 908 -15.47 19.58 29.25
N HIS A 909 -16.07 20.77 29.09
CA HIS A 909 -16.85 21.08 27.89
C HIS A 909 -16.60 22.50 27.42
N ASP A 910 -16.39 22.67 26.11
CA ASP A 910 -16.20 23.97 25.48
C ASP A 910 -17.51 24.33 24.74
N PRO A 911 -18.26 25.34 25.23
CA PRO A 911 -19.55 25.69 24.58
C PRO A 911 -19.43 26.34 23.21
N GLU A 912 -18.28 26.94 22.94
CA GLU A 912 -17.99 27.60 21.67
C GLU A 912 -17.87 26.57 20.52
N THR A 913 -17.17 25.44 20.75
CA THR A 913 -16.98 24.35 19.76
C THR A 913 -17.81 23.13 20.04
N SER A 914 -18.55 23.08 21.16
CA SER A 914 -19.34 21.90 21.52
C SER A 914 -18.45 20.63 21.59
N VAL A 915 -17.28 20.77 22.25
CA VAL A 915 -16.34 19.67 22.47
C VAL A 915 -16.41 19.27 23.95
N LEU A 916 -16.69 17.99 24.18
CA LEU A 916 -16.83 17.36 25.49
C LEU A 916 -15.68 16.40 25.68
N ILE A 917 -14.92 16.53 26.78
CA ILE A 917 -13.80 15.64 27.08
C ILE A 917 -14.22 14.85 28.29
N LEU A 918 -14.25 13.51 28.18
CA LEU A 918 -14.57 12.60 29.26
C LEU A 918 -13.29 12.10 29.86
N ARG A 919 -13.12 12.37 31.16
CA ARG A 919 -11.89 12.04 31.86
C ARG A 919 -11.79 10.61 32.27
N LYS A 920 -10.64 9.97 31.92
CA LYS A 920 -10.22 8.69 32.41
C LYS A 920 -11.32 7.62 32.60
N PRO A 921 -12.00 7.14 31.54
CA PRO A 921 -12.98 6.03 31.71
C PRO A 921 -12.36 4.85 32.52
N GLY A 922 -11.10 4.52 32.23
CA GLY A 922 -10.33 3.54 32.99
C GLY A 922 -10.57 2.08 32.66
N VAL A 923 -11.40 1.83 31.67
CA VAL A 923 -11.83 0.51 31.28
C VAL A 923 -10.89 -0.17 30.26
N SER A 924 -10.73 -1.50 30.37
CA SER A 924 -9.97 -2.31 29.42
C SER A 924 -10.61 -2.21 28.02
N VAL A 925 -9.76 -2.08 26.98
CA VAL A 925 -10.22 -2.06 25.58
C VAL A 925 -10.82 -3.44 25.19
N ALA A 926 -10.54 -4.50 25.95
CA ALA A 926 -11.05 -5.86 25.74
C ALA A 926 -12.47 -6.04 26.25
N SER A 927 -12.94 -5.11 27.08
CA SER A 927 -14.26 -5.21 27.70
C SER A 927 -15.35 -4.48 26.97
N ASP A 928 -16.56 -5.00 27.12
CA ASP A 928 -17.78 -4.33 26.73
C ASP A 928 -18.03 -3.24 27.77
N TRP A 929 -18.49 -2.07 27.33
CA TRP A 929 -18.82 -1.00 28.25
C TRP A 929 -19.75 0.00 27.58
N SER A 930 -20.40 0.82 28.40
CA SER A 930 -21.25 1.90 27.92
C SER A 930 -21.00 3.17 28.73
N ILE A 931 -21.03 4.33 28.08
CA ILE A 931 -20.89 5.62 28.72
C ILE A 931 -22.15 6.36 28.34
N HIS A 932 -22.95 6.72 29.36
CA HIS A 932 -24.21 7.42 29.16
CA HIS A 932 -24.23 7.41 29.21
C HIS A 932 -24.06 8.86 29.58
N LEU A 933 -24.48 9.79 28.70
CA LEU A 933 -24.44 11.22 28.97
C LEU A 933 -25.84 11.59 29.49
N ARG A 934 -25.95 11.99 30.77
CA ARG A 934 -27.24 12.29 31.40
C ARG A 934 -27.53 13.77 31.42
N PHE B 1 -13.63 18.52 64.30
CA PHE B 1 -13.21 17.22 64.84
C PHE B 1 -11.99 16.69 64.04
N TYR B 2 -12.18 16.13 62.83
CA TYR B 2 -11.07 15.65 62.00
C TYR B 2 -10.83 16.66 60.86
N GLU B 3 -9.66 17.33 60.84
CA GLU B 3 -9.35 18.28 59.76
C GLU B 3 -8.86 17.51 58.54
N GLU B 4 -9.36 17.89 57.34
CA GLU B 4 -8.99 17.27 56.07
C GLU B 4 -7.74 17.92 55.47
N SER B 5 -6.95 17.12 54.75
CA SER B 5 -5.75 17.59 54.07
C SER B 5 -6.15 18.44 52.85
N LYS B 6 -5.36 19.48 52.52
CA LYS B 6 -5.69 20.34 51.37
C LYS B 6 -5.42 19.62 50.05
N PRO B 7 -6.18 19.96 48.99
CA PRO B 7 -5.95 19.29 47.69
C PRO B 7 -4.67 19.74 46.98
N PHE B 8 -4.35 19.10 45.83
CA PHE B 8 -3.16 19.48 45.06
C PHE B 8 -3.57 20.58 44.11
N THR B 9 -2.75 21.60 43.98
CA THR B 9 -3.00 22.67 43.01
C THR B 9 -1.87 22.61 42.02
N CYS B 10 -2.21 22.52 40.72
CA CYS B 10 -1.23 22.48 39.63
C CYS B 10 -0.27 23.63 39.82
N LEU B 11 1.03 23.43 39.55
CA LEU B 11 2.01 24.50 39.69
C LEU B 11 1.68 25.73 38.82
N ASP B 12 0.98 25.54 37.69
CA ASP B 12 0.55 26.62 36.81
C ASP B 12 -0.86 27.20 37.17
N GLY B 13 -1.47 26.72 38.25
CA GLY B 13 -2.78 27.18 38.73
C GLY B 13 -3.99 26.84 37.89
N THR B 14 -3.86 25.95 36.87
CA THR B 14 -4.98 25.61 35.99
C THR B 14 -6.06 24.72 36.62
N ALA B 15 -5.74 24.01 37.71
CA ALA B 15 -6.72 23.16 38.38
C ALA B 15 -6.30 22.85 39.82
N THR B 16 -7.27 22.34 40.59
CA THR B 16 -7.11 21.88 41.95
C THR B 16 -7.74 20.50 41.93
N ILE B 17 -6.99 19.49 42.35
CA ILE B 17 -7.43 18.10 42.25
C ILE B 17 -7.10 17.39 43.54
N PRO B 18 -7.78 16.32 43.95
CA PRO B 18 -7.29 15.62 45.12
C PRO B 18 -5.94 14.99 44.78
N PHE B 19 -5.24 14.57 45.82
CA PHE B 19 -3.92 14.00 45.66
C PHE B 19 -3.98 12.58 45.03
N ASP B 20 -5.19 11.97 44.91
CA ASP B 20 -5.35 10.70 44.18
C ASP B 20 -5.35 10.91 42.66
N GLN B 21 -5.37 12.19 42.18
CA GLN B 21 -5.22 12.53 40.77
C GLN B 21 -3.73 12.87 40.48
N VAL B 22 -2.86 12.76 41.51
CA VAL B 22 -1.40 12.94 41.39
C VAL B 22 -0.81 11.57 41.12
N ASN B 23 -0.02 11.46 40.03
CA ASN B 23 0.56 10.20 39.54
C ASN B 23 -0.52 9.10 39.39
N ASP B 24 -1.72 9.48 38.94
CA ASP B 24 -2.82 8.54 38.71
C ASP B 24 -2.88 8.10 37.22
N ASP B 25 -1.85 8.41 36.43
CA ASP B 25 -1.73 7.99 35.04
C ASP B 25 -2.77 8.66 34.10
N TYR B 26 -3.17 9.88 34.44
CA TYR B 26 -4.03 10.72 33.61
C TYR B 26 -3.55 12.15 33.76
N CYS B 27 -3.36 12.86 32.68
CA CYS B 27 -2.89 14.24 32.75
C CYS B 27 -3.99 15.26 33.11
N ASP B 28 -3.89 15.88 34.30
CA ASP B 28 -4.86 16.87 34.78
C ASP B 28 -4.33 18.30 34.81
N CYS B 29 -3.03 18.51 34.71
CA CYS B 29 -2.42 19.85 34.73
C CYS B 29 -1.82 20.15 33.36
N LYS B 30 -2.03 21.37 32.83
CA LYS B 30 -1.48 21.77 31.53
C LYS B 30 0.04 21.79 31.53
N ASP B 31 0.67 22.01 32.69
CA ASP B 31 2.14 21.98 32.83
C ASP B 31 2.73 20.58 33.14
N GLY B 32 1.87 19.58 33.31
CA GLY B 32 2.28 18.22 33.61
C GLY B 32 2.75 17.95 35.03
N SER B 33 2.50 18.90 35.95
CA SER B 33 2.97 18.83 37.35
C SER B 33 2.28 17.79 38.23
N ASP B 34 1.08 17.30 37.84
CA ASP B 34 0.40 16.24 38.60
C ASP B 34 0.97 14.85 38.28
N GLU B 35 1.75 14.71 37.20
CA GLU B 35 2.27 13.40 36.77
C GLU B 35 3.81 13.33 36.60
N PRO B 36 4.60 13.72 37.62
CA PRO B 36 6.07 13.62 37.48
C PRO B 36 6.60 12.19 37.44
N GLY B 37 5.82 11.22 37.93
CA GLY B 37 6.20 9.81 37.96
C GLY B 37 5.65 8.91 36.86
N THR B 38 4.89 9.43 35.89
CA THR B 38 4.25 8.61 34.87
C THR B 38 4.50 9.14 33.46
N ALA B 39 3.95 8.44 32.45
CA ALA B 39 4.02 8.88 31.02
C ALA B 39 2.73 9.62 30.58
N ALA B 40 1.88 10.07 31.54
CA ALA B 40 0.56 10.58 31.21
C ALA B 40 0.50 11.96 30.58
N CYS B 41 1.46 12.86 30.87
CA CYS B 41 1.43 14.21 30.32
C CYS B 41 2.43 14.33 29.17
N PRO B 42 2.06 15.06 28.10
CA PRO B 42 2.97 15.24 26.97
C PRO B 42 4.13 16.20 27.25
N ASN B 43 4.03 17.03 28.30
CA ASN B 43 5.07 18.02 28.61
C ASN B 43 5.66 17.86 30.02
N GLY B 44 5.43 16.71 30.64
CA GLY B 44 5.98 16.48 31.96
C GLY B 44 7.44 16.08 31.89
N SER B 45 8.03 15.86 33.05
CA SER B 45 9.41 15.42 33.10
C SER B 45 9.55 14.45 34.25
N PHE B 46 10.44 13.48 34.10
CA PHE B 46 10.71 12.50 35.13
C PHE B 46 12.12 12.75 35.59
N HIS B 47 12.31 12.77 36.92
CA HIS B 47 13.59 12.98 37.60
C HIS B 47 14.34 11.66 37.84
N CYS B 48 15.53 11.51 37.24
CA CYS B 48 16.43 10.37 37.46
C CYS B 48 17.21 10.77 38.70
N THR B 49 16.85 10.21 39.86
CA THR B 49 17.52 10.59 41.10
C THR B 49 19.01 10.23 41.03
N ASN B 50 19.36 9.09 40.40
CA ASN B 50 20.75 8.64 40.18
C ASN B 50 21.59 8.78 41.46
N THR B 51 21.09 8.19 42.55
CA THR B 51 21.70 8.21 43.89
C THR B 51 23.19 7.93 43.82
N GLY B 52 24.01 8.87 44.30
CA GLY B 52 25.46 8.78 44.28
C GLY B 52 26.12 9.54 43.14
N TYR B 53 25.35 9.93 42.09
CA TYR B 53 25.89 10.56 40.88
C TYR B 53 25.05 11.75 40.43
N LYS B 54 25.31 12.31 39.22
CA LYS B 54 24.57 13.48 38.75
C LYS B 54 23.10 13.14 38.38
N PRO B 55 22.12 13.87 38.94
CA PRO B 55 20.71 13.61 38.55
C PRO B 55 20.39 14.20 37.15
N LEU B 56 19.44 13.60 36.45
CA LEU B 56 19.01 13.97 35.08
C LEU B 56 17.49 14.01 35.02
N TYR B 57 16.94 14.87 34.17
CA TYR B 57 15.52 14.95 33.89
C TYR B 57 15.30 14.37 32.49
N ILE B 58 14.26 13.58 32.32
CA ILE B 58 13.89 13.00 31.02
C ILE B 58 12.44 13.37 30.70
N LEU B 59 12.07 13.26 29.42
CA LEU B 59 10.68 13.46 28.97
C LEU B 59 9.79 12.40 29.64
N SER B 60 8.55 12.79 29.99
CA SER B 60 7.55 11.88 30.56
C SER B 60 7.23 10.71 29.61
N SER B 61 7.31 10.96 28.29
CA SER B 61 7.06 9.93 27.28
C SER B 61 8.12 8.79 27.34
N ARG B 62 9.19 8.98 28.11
CA ARG B 62 10.23 7.96 28.30
C ARG B 62 10.11 7.22 29.63
N VAL B 63 8.99 7.38 30.33
CA VAL B 63 8.69 6.63 31.54
C VAL B 63 7.94 5.40 31.05
N ASN B 64 8.46 4.24 31.39
CA ASN B 64 7.89 2.94 31.03
C ASN B 64 7.67 2.79 29.53
N ASP B 65 8.65 3.23 28.73
CA ASP B 65 8.64 3.09 27.28
C ASP B 65 9.42 1.84 26.86
N GLY B 66 9.92 1.07 27.85
CA GLY B 66 10.74 -0.11 27.60
C GLY B 66 12.19 0.19 27.25
N VAL B 67 12.61 1.46 27.31
CA VAL B 67 13.97 1.89 26.99
C VAL B 67 14.61 2.40 28.28
N CYS B 68 15.90 2.07 28.51
CA CYS B 68 16.64 2.50 29.70
C CYS B 68 17.18 3.92 29.50
N ASP B 69 16.53 4.93 30.12
CA ASP B 69 16.94 6.33 29.99
C ASP B 69 17.76 6.87 31.16
N CYS B 70 17.41 6.54 32.40
CA CYS B 70 18.14 6.97 33.61
C CYS B 70 19.24 5.99 33.79
N CYS B 71 20.45 6.43 34.21
CA CYS B 71 21.54 5.48 34.53
C CYS B 71 21.17 4.57 35.71
N ASP B 72 20.33 5.04 36.66
CA ASP B 72 19.84 4.21 37.76
C ASP B 72 18.66 3.27 37.39
N GLY B 73 18.15 3.38 36.15
CA GLY B 73 17.07 2.54 35.64
C GLY B 73 15.68 2.72 36.26
N THR B 74 15.47 3.79 37.04
CA THR B 74 14.17 4.02 37.75
C THR B 74 13.02 4.43 36.84
N ASP B 75 13.32 4.88 35.61
CA ASP B 75 12.27 5.24 34.62
C ASP B 75 11.47 4.02 34.16
N GLU B 76 12.06 2.82 34.27
CA GLU B 76 11.45 1.57 33.86
C GLU B 76 11.08 0.75 35.09
N TYR B 77 9.89 0.99 35.60
CA TYR B 77 9.41 0.36 36.81
C TYR B 77 8.21 -0.57 36.59
N ASN B 78 7.55 -0.52 35.43
CA ASN B 78 6.40 -1.39 35.16
C ASN B 78 6.22 -1.62 33.64
N SER B 79 7.32 -1.89 32.95
CA SER B 79 7.29 -2.06 31.48
C SER B 79 7.69 -3.44 30.98
N GLY B 80 8.33 -4.25 31.81
CA GLY B 80 8.87 -5.53 31.39
C GLY B 80 10.37 -5.43 31.22
N THR B 81 10.89 -4.22 30.84
CA THR B 81 12.33 -4.00 30.74
C THR B 81 12.88 -3.77 32.14
N VAL B 82 13.92 -4.53 32.50
CA VAL B 82 14.63 -4.41 33.77
C VAL B 82 15.95 -3.78 33.41
N CYS B 83 16.15 -2.54 33.82
CA CYS B 83 17.35 -1.77 33.56
C CYS B 83 18.39 -1.99 34.66
N GLU B 84 19.65 -2.16 34.27
CA GLU B 84 20.74 -2.30 35.22
C GLU B 84 21.26 -0.91 35.56
N ASN B 85 21.81 -0.74 36.78
CA ASN B 85 22.41 0.54 37.17
C ASN B 85 23.72 0.67 36.41
N THR B 86 23.89 1.75 35.63
CA THR B 86 25.08 2.01 34.83
C THR B 86 25.64 3.40 35.16
N CYS B 87 25.35 3.93 36.36
CA CYS B 87 25.80 5.29 36.73
C CYS B 87 27.33 5.41 36.90
N ARG B 88 28.02 4.33 37.34
CA ARG B 88 29.50 4.37 37.44
C ARG B 88 30.18 4.44 36.05
#